data_1GN9
#
_entry.id   1GN9
#
_cell.length_a   57.400
_cell.length_b   61.800
_cell.length_c   72.200
_cell.angle_alpha   82.70
_cell.angle_beta   73.70
_cell.angle_gamma   87.30
#
_symmetry.space_group_name_H-M   'P 1'
#
loop_
_entity.id
_entity.type
_entity.pdbx_description
1 polymer 'HYBRID CLUSTER PROTEIN'
2 non-polymer 'IRON/SULFUR/OXYGEN HYBRID CLUSTER'
3 non-polymer 'IRON/SULFUR CLUSTER'
4 water water
#
_entity_poly.entity_id   1
_entity_poly.type   'polypeptide(L)'
_entity_poly.pdbx_seq_one_letter_code
;SNAMFCYQCQETVGNKGCTQVGVCGKKPETAALQDALIYVTKGLGQIATRLRAEGKAVDHRIDRLVTGNLFATITNANFD
DDILAERVRMTCAAKKELAASLTDKSGLSDAALWEASEKSAMLAKAGTVGVMATTDDDVRSLRWLITFGLKGMAAYAKHA
DVLGKHENSLDAFMQEALAKTLDDSLSVADLVALTLETGKFGVSAMALLDAANTGTYGHPEITKVNIGVGSNPGILISGH
DLRDLEMLLKQTEGTGVDVYTHSEMLPAHYYPAFKKYAHFKGNYGNAWWKQKEEFESFNGPVLLTTNCLVPPKDSYKDRV
YTTGIVGFTGCKHIPGEIGEHKDFSAIIAHAKTCPAPTEIESGEIIGGFAHNQVLALADKVIDAVKSGAIKKFVVMAG
(CSS)DGRAKSRSYYTDFAEGLPKDTVILTAGCAKYRYNKLNLGDIGGIPRVLDAGQCNDSYSLAVIALKLKEVFGLEDV
NDLPIVYNIAWYEQKAVIVLLALLSLGVKNIHLGPTLPAFLSPNVAKVLVEQFNIGGITSPQDDLKAFFG
;
_entity_poly.pdbx_strand_id   A,B
#
loop_
_chem_comp.id
_chem_comp.type
_chem_comp.name
_chem_comp.formula
FSO non-polymer 'IRON/SULFUR/OXYGEN HYBRID CLUSTER' 'Fe4 O3 S3'
SF4 non-polymer 'IRON/SULFUR CLUSTER' 'Fe4 S4'
#
# COMPACT_ATOMS: atom_id res chain seq x y z
N SER A 1 -24.94 -9.20 -22.97
CA SER A 1 -23.58 -8.70 -22.66
C SER A 1 -22.59 -9.84 -22.75
N ASN A 2 -21.36 -9.52 -23.12
CA ASN A 2 -20.34 -10.55 -23.24
C ASN A 2 -19.59 -10.67 -21.92
N ALA A 3 -19.25 -11.90 -21.53
CA ALA A 3 -18.51 -12.12 -20.28
C ALA A 3 -17.04 -11.82 -20.53
N MET A 4 -16.66 -11.80 -21.80
CA MET A 4 -15.28 -11.52 -22.18
C MET A 4 -15.24 -11.17 -23.65
N PHE A 5 -14.06 -10.73 -24.09
CA PHE A 5 -13.85 -10.45 -25.50
C PHE A 5 -12.38 -10.51 -25.82
N CYS A 6 -12.02 -11.48 -26.66
CA CYS A 6 -10.65 -11.68 -27.05
C CYS A 6 -10.63 -12.23 -28.46
N TYR A 7 -9.79 -11.65 -29.32
CA TYR A 7 -9.70 -12.14 -30.69
C TYR A 7 -8.25 -12.08 -31.18
N GLN A 8 -7.32 -12.24 -30.24
CA GLN A 8 -5.90 -12.18 -30.55
C GLN A 8 -5.30 -13.37 -31.26
N CYS A 9 -5.96 -14.53 -31.24
CA CYS A 9 -5.40 -15.68 -31.93
C CYS A 9 -6.28 -16.06 -33.12
N GLN A 10 -5.70 -16.82 -34.04
CA GLN A 10 -6.40 -17.23 -35.26
C GLN A 10 -7.65 -18.08 -35.06
N GLU A 11 -7.73 -18.81 -33.96
CA GLU A 11 -8.89 -19.67 -33.74
C GLU A 11 -10.07 -18.97 -33.08
N THR A 12 -9.98 -17.65 -32.93
CA THR A 12 -11.04 -16.87 -32.30
C THR A 12 -12.42 -17.28 -32.85
N VAL A 13 -13.41 -17.38 -31.96
CA VAL A 13 -14.76 -17.80 -32.33
C VAL A 13 -15.42 -17.11 -33.53
N GLY A 14 -15.62 -17.87 -34.60
CA GLY A 14 -16.24 -17.32 -35.80
C GLY A 14 -15.35 -16.27 -36.46
N ASN A 15 -14.07 -16.30 -36.09
CA ASN A 15 -13.11 -15.35 -36.64
C ASN A 15 -13.62 -13.93 -36.40
N LYS A 16 -14.30 -13.75 -35.27
CA LYS A 16 -14.86 -12.45 -34.89
C LYS A 16 -14.48 -12.14 -33.45
N GLY A 17 -14.41 -13.17 -32.61
CA GLY A 17 -14.06 -12.97 -31.22
C GLY A 17 -14.69 -13.96 -30.26
N CYS A 18 -14.04 -14.16 -29.12
CA CYS A 18 -14.55 -15.08 -28.10
C CYS A 18 -15.26 -14.26 -27.03
N THR A 19 -16.55 -14.52 -26.84
CA THR A 19 -17.35 -13.77 -25.87
C THR A 19 -17.78 -14.52 -24.62
N GLN A 20 -17.83 -15.84 -24.69
CA GLN A 20 -18.23 -16.61 -23.51
C GLN A 20 -17.06 -17.35 -22.89
N VAL A 21 -16.33 -18.08 -23.72
CA VAL A 21 -15.17 -18.85 -23.26
C VAL A 21 -14.21 -18.98 -24.44
N GLY A 22 -12.93 -18.76 -24.19
CA GLY A 22 -11.97 -18.88 -25.27
C GLY A 22 -11.92 -20.30 -25.81
N VAL A 23 -11.70 -20.42 -27.11
CA VAL A 23 -11.62 -21.73 -27.75
C VAL A 23 -10.40 -22.41 -27.11
N CYS A 24 -9.40 -21.60 -26.79
CA CYS A 24 -8.17 -22.05 -26.17
C CYS A 24 -8.43 -22.64 -24.80
N GLY A 25 -9.53 -22.24 -24.18
CA GLY A 25 -9.87 -22.73 -22.86
C GLY A 25 -9.89 -21.63 -21.82
N LYS A 26 -9.43 -20.43 -22.20
CA LYS A 26 -9.39 -19.30 -21.28
C LYS A 26 -10.78 -18.88 -20.80
N LYS A 27 -10.96 -18.85 -19.48
CA LYS A 27 -12.22 -18.48 -18.85
C LYS A 27 -12.42 -16.96 -18.72
N PRO A 28 -13.68 -16.50 -18.71
CA PRO A 28 -14.02 -15.08 -18.60
C PRO A 28 -13.20 -14.29 -17.61
N GLU A 29 -13.11 -14.79 -16.39
CA GLU A 29 -12.35 -14.08 -15.37
C GLU A 29 -10.86 -14.03 -15.66
N THR A 30 -10.31 -15.09 -16.22
CA THR A 30 -8.88 -15.09 -16.55
C THR A 30 -8.62 -14.03 -17.61
N ALA A 31 -9.50 -13.95 -18.60
CA ALA A 31 -9.35 -12.97 -19.67
C ALA A 31 -9.55 -11.55 -19.15
N ALA A 32 -10.31 -11.40 -18.08
CA ALA A 32 -10.55 -10.10 -17.51
C ALA A 32 -9.27 -9.64 -16.82
N LEU A 33 -8.68 -10.55 -16.04
CA LEU A 33 -7.46 -10.24 -15.33
C LEU A 33 -6.36 -9.91 -16.32
N GLN A 34 -6.40 -10.55 -17.48
CA GLN A 34 -5.41 -10.31 -18.51
C GLN A 34 -5.63 -8.94 -19.14
N ASP A 35 -6.88 -8.50 -19.20
CA ASP A 35 -7.21 -7.19 -19.77
C ASP A 35 -6.77 -6.08 -18.83
N ALA A 36 -6.73 -6.37 -17.53
CA ALA A 36 -6.32 -5.37 -16.56
C ALA A 36 -4.81 -5.30 -16.54
N LEU A 37 -4.15 -6.46 -16.61
CA LEU A 37 -2.70 -6.52 -16.61
C LEU A 37 -2.13 -5.69 -17.76
N ILE A 38 -2.77 -5.77 -18.92
CA ILE A 38 -2.31 -5.02 -20.09
C ILE A 38 -2.52 -3.53 -19.95
N TYR A 39 -3.69 -3.15 -19.43
CA TYR A 39 -4.04 -1.76 -19.22
C TYR A 39 -3.01 -1.10 -18.30
N VAL A 40 -2.84 -1.64 -17.10
CA VAL A 40 -1.88 -1.08 -16.14
C VAL A 40 -0.45 -1.14 -16.66
N THR A 41 -0.15 -2.11 -17.50
CA THR A 41 1.19 -2.22 -18.08
C THR A 41 1.42 -1.07 -19.06
N LYS A 42 0.43 -0.80 -19.90
CA LYS A 42 0.54 0.31 -20.85
C LYS A 42 0.66 1.55 -19.99
N GLY A 43 -0.10 1.58 -18.91
CA GLY A 43 -0.04 2.69 -17.99
C GLY A 43 1.38 2.83 -17.47
N LEU A 44 2.01 1.70 -17.16
CA LEU A 44 3.40 1.71 -16.68
C LEU A 44 4.32 2.13 -17.83
N GLY A 45 3.88 1.85 -19.06
CA GLY A 45 4.66 2.22 -20.21
C GLY A 45 4.78 3.72 -20.31
N GLN A 46 3.69 4.44 -20.08
CA GLN A 46 3.72 5.89 -20.16
C GLN A 46 4.62 6.52 -19.08
N ILE A 47 4.60 5.98 -17.88
CA ILE A 47 5.41 6.52 -16.80
C ILE A 47 6.91 6.34 -17.08
N ALA A 48 7.31 5.12 -17.39
CA ALA A 48 8.71 4.84 -17.69
C ALA A 48 9.19 5.72 -18.83
N THR A 49 8.31 6.01 -19.79
CA THR A 49 8.66 6.85 -20.94
C THR A 49 8.85 8.31 -20.53
N ARG A 50 7.96 8.81 -19.68
CA ARG A 50 8.06 10.19 -19.20
C ARG A 50 9.34 10.35 -18.39
N LEU A 51 9.70 9.32 -17.62
CA LEU A 51 10.92 9.37 -16.84
C LEU A 51 12.16 9.49 -17.73
N ARG A 52 12.21 8.67 -18.77
CA ARG A 52 13.35 8.71 -19.69
C ARG A 52 13.41 10.06 -20.37
N ALA A 53 12.23 10.63 -20.64
CA ALA A 53 12.10 11.93 -21.28
C ALA A 53 12.60 13.05 -20.36
N GLU A 54 12.48 12.86 -19.06
CA GLU A 54 12.96 13.88 -18.13
C GLU A 54 14.43 13.64 -17.83
N GLY A 55 15.02 12.67 -18.51
CA GLY A 55 16.43 12.36 -18.29
C GLY A 55 16.70 11.43 -17.12
N LYS A 56 15.66 10.81 -16.56
CA LYS A 56 15.84 9.89 -15.44
C LYS A 56 15.97 8.42 -15.83
N ALA A 57 16.63 7.65 -14.97
CA ALA A 57 16.83 6.23 -15.21
C ALA A 57 15.63 5.37 -14.82
N VAL A 58 15.54 4.22 -15.47
CA VAL A 58 14.48 3.24 -15.24
C VAL A 58 15.19 1.90 -15.16
N ASP A 59 15.36 1.38 -13.95
CA ASP A 59 16.05 0.11 -13.80
C ASP A 59 15.46 -0.96 -14.72
N HIS A 60 16.34 -1.79 -15.26
CA HIS A 60 15.96 -2.88 -16.18
C HIS A 60 14.95 -3.84 -15.54
N ARG A 61 14.89 -3.83 -14.22
CA ARG A 61 13.95 -4.67 -13.49
C ARG A 61 12.54 -4.31 -13.98
N ILE A 62 12.36 -3.05 -14.36
CA ILE A 62 11.08 -2.58 -14.87
C ILE A 62 10.82 -3.19 -16.25
N ASP A 63 11.85 -3.22 -17.09
CA ASP A 63 11.71 -3.79 -18.43
C ASP A 63 11.30 -5.25 -18.34
N ARG A 64 11.73 -5.93 -17.28
CA ARG A 64 11.40 -7.34 -17.12
C ARG A 64 9.96 -7.55 -16.70
N LEU A 65 9.43 -6.62 -15.91
CA LEU A 65 8.05 -6.73 -15.47
C LEU A 65 7.14 -6.52 -16.69
N VAL A 66 7.49 -5.55 -17.52
CA VAL A 66 6.68 -5.30 -18.70
C VAL A 66 6.65 -6.53 -19.59
N THR A 67 7.81 -7.06 -19.95
CA THR A 67 7.87 -8.21 -20.82
C THR A 67 7.15 -9.40 -20.22
N GLY A 68 7.37 -9.63 -18.94
CA GLY A 68 6.73 -10.74 -18.25
C GLY A 68 5.22 -10.61 -18.33
N ASN A 69 4.72 -9.39 -18.15
CA ASN A 69 3.28 -9.13 -18.20
C ASN A 69 2.75 -9.49 -19.58
N LEU A 70 3.36 -8.93 -20.62
CA LEU A 70 2.92 -9.20 -21.98
C LEU A 70 2.92 -10.69 -22.29
N PHE A 71 4.08 -11.32 -22.17
CA PHE A 71 4.23 -12.73 -22.47
C PHE A 71 3.20 -13.62 -21.74
N ALA A 72 2.89 -13.26 -20.50
CA ALA A 72 1.94 -14.03 -19.70
C ALA A 72 0.53 -14.01 -20.25
N THR A 73 0.23 -13.07 -21.14
CA THR A 73 -1.09 -12.96 -21.71
C THR A 73 -1.20 -13.52 -23.12
N ILE A 74 -0.09 -14.04 -23.64
CA ILE A 74 -0.10 -14.62 -24.98
C ILE A 74 -0.91 -15.92 -24.93
N THR A 75 -1.48 -16.28 -26.07
CA THR A 75 -2.30 -17.49 -26.16
C THR A 75 -1.58 -18.75 -25.64
N ASN A 76 -2.28 -19.53 -24.83
CA ASN A 76 -1.76 -20.76 -24.24
C ASN A 76 -0.56 -20.56 -23.30
N ALA A 77 -0.47 -19.37 -22.71
CA ALA A 77 0.62 -19.08 -21.80
C ALA A 77 0.23 -19.24 -20.35
N ASN A 78 -0.69 -18.41 -19.86
CA ASN A 78 -1.07 -18.48 -18.47
C ASN A 78 -2.58 -18.49 -18.24
N PHE A 79 -3.05 -19.48 -17.50
CA PHE A 79 -4.47 -19.64 -17.18
C PHE A 79 -4.69 -19.54 -15.66
N ASP A 80 -3.61 -19.24 -14.93
CA ASP A 80 -3.68 -19.14 -13.49
C ASP A 80 -4.13 -17.76 -13.00
N ASP A 81 -5.35 -17.69 -12.51
CA ASP A 81 -5.92 -16.43 -11.99
C ASP A 81 -5.13 -15.83 -10.82
N ASP A 82 -4.51 -16.68 -10.00
CA ASP A 82 -3.76 -16.19 -8.85
C ASP A 82 -2.49 -15.46 -9.22
N ILE A 83 -1.81 -15.94 -10.25
CA ILE A 83 -0.57 -15.34 -10.72
C ILE A 83 -0.83 -14.05 -11.49
N LEU A 84 -1.99 -13.98 -12.15
CA LEU A 84 -2.34 -12.80 -12.93
C LEU A 84 -2.72 -11.68 -11.97
N ALA A 85 -3.56 -12.01 -10.99
CA ALA A 85 -3.98 -11.02 -10.02
C ALA A 85 -2.74 -10.42 -9.36
N GLU A 86 -1.86 -11.28 -8.85
CA GLU A 86 -0.65 -10.82 -8.18
C GLU A 86 0.24 -9.99 -9.12
N ARG A 87 0.29 -10.36 -10.40
CA ARG A 87 1.10 -9.58 -11.35
C ARG A 87 0.47 -8.22 -11.55
N VAL A 88 -0.86 -8.14 -11.46
CA VAL A 88 -1.56 -6.87 -11.59
C VAL A 88 -1.21 -6.00 -10.37
N ARG A 89 -1.07 -6.62 -9.20
CA ARG A 89 -0.73 -5.88 -8.00
C ARG A 89 0.70 -5.41 -8.09
N MET A 90 1.57 -6.28 -8.55
CA MET A 90 2.99 -5.96 -8.70
C MET A 90 3.18 -4.77 -9.62
N THR A 91 2.43 -4.73 -10.72
CA THR A 91 2.51 -3.65 -11.68
C THR A 91 1.96 -2.35 -11.12
N CYS A 92 0.92 -2.43 -10.30
CA CYS A 92 0.34 -1.23 -9.70
C CYS A 92 1.32 -0.61 -8.73
N ALA A 93 2.02 -1.45 -7.96
CA ALA A 93 3.00 -0.97 -7.01
C ALA A 93 4.15 -0.33 -7.77
N ALA A 94 4.73 -1.11 -8.70
CA ALA A 94 5.84 -0.66 -9.51
C ALA A 94 5.55 0.71 -10.13
N LYS A 95 4.48 0.81 -10.91
CA LYS A 95 4.19 2.09 -11.55
C LYS A 95 3.87 3.21 -10.55
N LYS A 96 3.41 2.85 -9.36
CA LYS A 96 3.10 3.88 -8.38
C LYS A 96 4.37 4.50 -7.83
N GLU A 97 5.46 3.73 -7.78
CA GLU A 97 6.69 4.29 -7.24
C GLU A 97 7.49 5.01 -8.33
N LEU A 98 7.55 4.46 -9.54
CA LEU A 98 8.27 5.14 -10.61
C LEU A 98 7.67 6.52 -10.81
N ALA A 99 6.34 6.59 -10.70
CA ALA A 99 5.61 7.85 -10.88
C ALA A 99 5.90 8.85 -9.76
N ALA A 100 6.31 8.36 -8.60
CA ALA A 100 6.61 9.24 -7.48
C ALA A 100 7.86 10.02 -7.85
N SER A 101 8.72 9.35 -8.63
CA SER A 101 9.98 9.92 -9.06
C SER A 101 9.85 11.03 -10.11
N LEU A 102 8.74 11.06 -10.83
CA LEU A 102 8.54 12.10 -11.84
C LEU A 102 8.58 13.48 -11.19
N THR A 103 8.72 14.51 -12.01
CA THR A 103 8.74 15.88 -11.51
C THR A 103 7.40 16.47 -11.89
N ASP A 104 7.00 16.23 -13.14
CA ASP A 104 5.73 16.73 -13.63
C ASP A 104 4.77 15.58 -13.89
N LYS A 105 4.01 15.23 -12.86
CA LYS A 105 3.02 14.16 -12.93
C LYS A 105 1.74 14.69 -13.56
N SER A 106 1.83 15.30 -14.74
CA SER A 106 0.66 15.83 -15.44
C SER A 106 0.34 14.98 -16.66
N GLY A 107 -0.90 15.09 -17.14
CA GLY A 107 -1.30 14.34 -18.32
C GLY A 107 -1.19 12.83 -18.22
N LEU A 108 -0.93 12.30 -17.03
CA LEU A 108 -0.84 10.85 -16.87
C LEU A 108 -2.22 10.26 -17.12
N SER A 109 -2.28 9.26 -17.99
CA SER A 109 -3.58 8.65 -18.30
C SER A 109 -4.12 7.90 -17.11
N ASP A 110 -5.35 7.41 -17.24
CA ASP A 110 -6.00 6.67 -16.18
C ASP A 110 -5.17 5.41 -15.89
N ALA A 111 -4.87 4.65 -16.95
CA ALA A 111 -4.09 3.42 -16.82
C ALA A 111 -2.85 3.61 -15.95
N ALA A 112 -2.21 4.77 -16.07
CA ALA A 112 -1.02 5.07 -15.29
C ALA A 112 -1.34 5.29 -13.81
N LEU A 113 -2.49 5.89 -13.53
CA LEU A 113 -2.88 6.19 -12.16
C LEU A 113 -3.70 5.15 -11.43
N TRP A 114 -4.70 4.59 -12.09
CA TRP A 114 -5.57 3.60 -11.48
C TRP A 114 -4.82 2.46 -10.83
N GLU A 115 -5.39 1.92 -9.76
CA GLU A 115 -4.79 0.79 -9.06
C GLU A 115 -5.81 0.04 -8.21
N ALA A 116 -5.54 -1.24 -7.98
CA ALA A 116 -6.40 -2.08 -7.16
C ALA A 116 -5.58 -3.22 -6.59
N SER A 117 -6.00 -3.72 -5.45
CA SER A 117 -5.31 -4.86 -4.82
C SER A 117 -6.31 -5.99 -4.63
N GLU A 118 -7.60 -5.67 -4.70
CA GLU A 118 -8.63 -6.70 -4.56
C GLU A 118 -9.01 -7.21 -5.94
N LYS A 119 -8.94 -8.52 -6.11
CA LYS A 119 -9.26 -9.19 -7.37
C LYS A 119 -10.61 -8.73 -7.93
N SER A 120 -11.60 -8.58 -7.04
CA SER A 120 -12.95 -8.17 -7.45
C SER A 120 -12.92 -6.81 -8.13
N ALA A 121 -12.05 -5.93 -7.67
CA ALA A 121 -11.93 -4.61 -8.26
C ALA A 121 -11.27 -4.67 -9.64
N MET A 122 -10.34 -5.62 -9.81
CA MET A 122 -9.62 -5.78 -11.08
C MET A 122 -10.56 -6.28 -12.16
N LEU A 123 -11.53 -7.12 -11.78
CA LEU A 123 -12.48 -7.65 -12.74
C LEU A 123 -13.46 -6.58 -13.20
N ALA A 124 -13.75 -5.62 -12.34
CA ALA A 124 -14.66 -4.54 -12.71
C ALA A 124 -13.94 -3.56 -13.64
N LYS A 125 -12.69 -3.22 -13.30
CA LYS A 125 -11.90 -2.32 -14.13
C LYS A 125 -11.77 -2.88 -15.53
N ALA A 126 -11.49 -4.18 -15.60
CA ALA A 126 -11.34 -4.87 -16.88
C ALA A 126 -12.56 -4.67 -17.78
N GLY A 127 -13.74 -4.82 -17.21
CA GLY A 127 -14.97 -4.67 -17.99
C GLY A 127 -15.09 -3.39 -18.79
N THR A 128 -14.15 -2.45 -18.62
CA THR A 128 -14.21 -1.20 -19.38
C THR A 128 -12.89 -0.76 -19.99
N VAL A 129 -11.90 -1.64 -19.98
CA VAL A 129 -10.58 -1.33 -20.54
C VAL A 129 -10.17 -2.39 -21.55
N GLY A 130 -11.11 -3.25 -21.91
CA GLY A 130 -10.83 -4.30 -22.88
C GLY A 130 -10.88 -3.75 -24.28
N VAL A 131 -10.83 -4.64 -25.27
CA VAL A 131 -10.87 -4.26 -26.68
C VAL A 131 -11.96 -3.22 -26.95
N MET A 132 -13.21 -3.67 -26.89
CA MET A 132 -14.37 -2.83 -27.13
C MET A 132 -14.18 -1.38 -26.68
N ALA A 133 -13.52 -1.18 -25.54
CA ALA A 133 -13.29 0.17 -25.02
C ALA A 133 -12.99 1.21 -26.10
N THR A 134 -12.35 0.82 -27.19
CA THR A 134 -12.08 1.78 -28.28
C THR A 134 -13.22 1.67 -29.28
N THR A 135 -13.98 2.75 -29.41
CA THR A 135 -15.13 2.77 -30.32
C THR A 135 -14.73 2.71 -31.79
N ASP A 136 -14.10 3.79 -32.28
CA ASP A 136 -13.68 3.88 -33.69
C ASP A 136 -13.02 2.64 -34.27
N ASP A 137 -13.72 2.00 -35.20
CA ASP A 137 -13.22 0.79 -35.85
C ASP A 137 -11.76 0.83 -36.31
N ASP A 138 -11.39 1.80 -37.14
CA ASP A 138 -10.01 1.84 -37.63
C ASP A 138 -8.91 2.00 -36.59
N VAL A 139 -9.14 2.81 -35.56
CA VAL A 139 -8.14 3.02 -34.50
C VAL A 139 -8.07 1.81 -33.52
N ARG A 140 -9.14 1.04 -33.41
CA ARG A 140 -9.14 -0.13 -32.54
C ARG A 140 -8.30 -1.20 -33.21
N SER A 141 -8.59 -1.43 -34.48
CA SER A 141 -7.87 -2.43 -35.25
C SER A 141 -6.38 -2.23 -35.11
N LEU A 142 -5.92 -1.00 -35.35
CA LEU A 142 -4.51 -0.66 -35.26
C LEU A 142 -3.91 -0.73 -33.85
N ARG A 143 -4.64 -0.27 -32.85
CA ARG A 143 -4.15 -0.31 -31.48
C ARG A 143 -3.92 -1.75 -30.99
N TRP A 144 -4.85 -2.64 -31.33
CA TRP A 144 -4.73 -4.02 -30.91
C TRP A 144 -3.79 -4.83 -31.77
N LEU A 145 -3.54 -4.36 -32.99
CA LEU A 145 -2.64 -5.04 -33.90
C LEU A 145 -1.22 -4.78 -33.39
N ILE A 146 -0.99 -3.55 -32.92
CA ILE A 146 0.32 -3.16 -32.40
C ILE A 146 0.58 -3.85 -31.05
N THR A 147 -0.44 -3.84 -30.20
CA THR A 147 -0.35 -4.46 -28.89
C THR A 147 0.05 -5.95 -29.01
N PHE A 148 -0.58 -6.66 -29.94
CA PHE A 148 -0.29 -8.07 -30.18
C PHE A 148 1.12 -8.19 -30.77
N GLY A 149 1.46 -7.27 -31.66
CA GLY A 149 2.78 -7.28 -32.24
C GLY A 149 3.78 -7.10 -31.11
N LEU A 150 3.45 -6.24 -30.16
CA LEU A 150 4.29 -5.97 -29.00
C LEU A 150 4.35 -7.16 -28.04
N LYS A 151 3.38 -8.06 -28.12
CA LYS A 151 3.40 -9.23 -27.24
C LYS A 151 4.45 -10.21 -27.77
N GLY A 152 4.44 -10.38 -29.09
CA GLY A 152 5.40 -11.28 -29.72
C GLY A 152 6.83 -10.75 -29.55
N MET A 153 7.00 -9.46 -29.79
CA MET A 153 8.29 -8.80 -29.65
C MET A 153 8.82 -9.05 -28.23
N ALA A 154 8.02 -8.71 -27.23
CA ALA A 154 8.37 -8.87 -25.82
C ALA A 154 8.86 -10.28 -25.50
N ALA A 155 8.20 -11.28 -26.06
CA ALA A 155 8.59 -12.66 -25.80
C ALA A 155 10.00 -12.92 -26.32
N TYR A 156 10.29 -12.43 -27.52
CA TYR A 156 11.62 -12.60 -28.11
C TYR A 156 12.66 -11.81 -27.32
N ALA A 157 12.24 -10.66 -26.79
CA ALA A 157 13.10 -9.81 -26.00
C ALA A 157 13.41 -10.48 -24.66
N LYS A 158 12.43 -11.17 -24.09
CA LYS A 158 12.62 -11.82 -22.80
C LYS A 158 13.58 -13.00 -22.91
N HIS A 159 13.46 -13.78 -23.98
CA HIS A 159 14.35 -14.91 -24.16
C HIS A 159 15.77 -14.39 -24.37
N ALA A 160 15.90 -13.23 -24.99
CA ALA A 160 17.23 -12.66 -25.20
C ALA A 160 17.72 -12.16 -23.84
N ASP A 161 16.81 -11.63 -23.04
CA ASP A 161 17.18 -11.12 -21.72
C ASP A 161 17.51 -12.25 -20.77
N VAL A 162 16.87 -13.40 -20.95
CA VAL A 162 17.12 -14.55 -20.09
C VAL A 162 18.53 -15.05 -20.33
N LEU A 163 19.03 -14.82 -21.55
CA LEU A 163 20.38 -15.22 -21.92
C LEU A 163 21.39 -14.08 -21.66
N GLY A 164 20.95 -13.05 -20.94
CA GLY A 164 21.83 -11.93 -20.63
C GLY A 164 21.96 -10.86 -21.69
N LYS A 165 21.08 -10.85 -22.68
CA LYS A 165 21.13 -9.88 -23.77
C LYS A 165 19.89 -8.98 -23.81
N HIS A 166 20.12 -7.67 -23.77
CA HIS A 166 19.02 -6.70 -23.81
C HIS A 166 19.50 -5.31 -24.20
N GLU A 167 18.74 -4.66 -25.06
CA GLU A 167 19.07 -3.32 -25.52
C GLU A 167 18.09 -2.29 -24.96
N ASN A 168 18.61 -1.16 -24.51
CA ASN A 168 17.77 -0.13 -23.94
C ASN A 168 16.80 0.46 -24.97
N SER A 169 17.22 0.50 -26.23
CA SER A 169 16.37 1.07 -27.27
C SER A 169 15.19 0.16 -27.57
N LEU A 170 15.33 -1.13 -27.25
CA LEU A 170 14.24 -2.07 -27.50
C LEU A 170 13.18 -1.96 -26.41
N ASP A 171 13.61 -1.97 -25.15
CA ASP A 171 12.71 -1.87 -24.01
C ASP A 171 12.05 -0.49 -24.01
N ALA A 172 12.83 0.52 -24.39
CA ALA A 172 12.30 1.88 -24.42
C ALA A 172 11.22 2.01 -25.49
N PHE A 173 11.47 1.48 -26.68
CA PHE A 173 10.45 1.55 -27.73
C PHE A 173 9.18 0.80 -27.31
N MET A 174 9.33 -0.48 -26.91
CA MET A 174 8.18 -1.25 -26.49
C MET A 174 7.30 -0.45 -25.53
N GLN A 175 7.90 0.02 -24.46
CA GLN A 175 7.17 0.78 -23.44
C GLN A 175 6.52 2.05 -23.96
N GLU A 176 7.15 2.69 -24.94
CA GLU A 176 6.58 3.90 -25.50
C GLU A 176 5.46 3.54 -26.48
N ALA A 177 5.64 2.43 -27.19
CA ALA A 177 4.64 1.97 -28.14
C ALA A 177 3.37 1.63 -27.35
N LEU A 178 3.51 0.97 -26.21
CA LEU A 178 2.36 0.62 -25.38
C LEU A 178 1.64 1.88 -24.90
N ALA A 179 2.40 2.89 -24.51
CA ALA A 179 1.82 4.13 -24.04
C ALA A 179 1.03 4.83 -25.15
N LYS A 180 1.48 4.69 -26.39
CA LYS A 180 0.80 5.32 -27.52
C LYS A 180 -0.54 4.70 -27.88
N THR A 181 -0.75 3.44 -27.53
CA THR A 181 -2.00 2.75 -27.82
C THR A 181 -3.12 3.25 -26.90
N LEU A 182 -2.82 4.23 -26.06
CA LEU A 182 -3.78 4.80 -25.13
C LEU A 182 -3.97 6.29 -25.43
N ASP A 183 -3.23 6.78 -26.42
CA ASP A 183 -3.29 8.17 -26.82
C ASP A 183 -4.47 8.39 -27.77
N ASP A 184 -5.44 9.20 -27.35
CA ASP A 184 -6.59 9.43 -28.23
C ASP A 184 -6.29 10.43 -29.34
N SER A 185 -5.19 11.16 -29.22
CA SER A 185 -4.85 12.16 -30.23
C SER A 185 -4.03 11.64 -31.42
N LEU A 186 -3.82 10.33 -31.51
CA LEU A 186 -3.06 9.81 -32.64
C LEU A 186 -3.99 9.51 -33.80
N SER A 187 -3.67 10.02 -34.97
CA SER A 187 -4.48 9.79 -36.16
C SER A 187 -4.33 8.34 -36.53
N VAL A 188 -5.00 7.95 -37.62
CA VAL A 188 -4.93 6.59 -38.12
C VAL A 188 -3.57 6.44 -38.81
N ALA A 189 -3.12 7.52 -39.44
CA ALA A 189 -1.84 7.50 -40.14
C ALA A 189 -0.74 7.30 -39.12
N ASP A 190 -0.92 7.89 -37.95
CA ASP A 190 0.06 7.76 -36.87
C ASP A 190 0.15 6.29 -36.49
N LEU A 191 -1.03 5.68 -36.28
CA LEU A 191 -1.09 4.29 -35.89
C LEU A 191 -0.54 3.35 -36.95
N VAL A 192 -0.74 3.70 -38.23
CA VAL A 192 -0.21 2.88 -39.31
C VAL A 192 1.31 2.99 -39.26
N ALA A 193 1.80 4.22 -39.07
CA ALA A 193 3.24 4.46 -38.97
C ALA A 193 3.82 3.72 -37.77
N LEU A 194 3.06 3.67 -36.67
CA LEU A 194 3.52 2.98 -35.47
C LEU A 194 3.48 1.45 -35.68
N THR A 195 2.59 1.00 -36.55
CA THR A 195 2.49 -0.44 -36.84
C THR A 195 3.76 -0.86 -37.57
N LEU A 196 4.20 -0.05 -38.52
CA LEU A 196 5.41 -0.34 -39.28
C LEU A 196 6.66 -0.20 -38.40
N GLU A 197 6.69 0.79 -37.52
CA GLU A 197 7.84 0.95 -36.65
C GLU A 197 7.93 -0.25 -35.72
N THR A 198 6.77 -0.76 -35.31
CA THR A 198 6.74 -1.93 -34.45
C THR A 198 7.40 -3.07 -35.21
N GLY A 199 6.99 -3.26 -36.45
CA GLY A 199 7.56 -4.32 -37.24
C GLY A 199 9.07 -4.20 -37.27
N LYS A 200 9.56 -2.96 -37.43
CA LYS A 200 10.99 -2.71 -37.48
C LYS A 200 11.65 -3.24 -36.21
N PHE A 201 11.14 -2.81 -35.07
CA PHE A 201 11.68 -3.25 -33.79
C PHE A 201 11.44 -4.73 -33.64
N GLY A 202 10.54 -5.25 -34.47
CA GLY A 202 10.27 -6.67 -34.43
C GLY A 202 11.53 -7.37 -34.91
N VAL A 203 12.10 -6.84 -35.99
CA VAL A 203 13.33 -7.37 -36.58
C VAL A 203 14.48 -7.27 -35.58
N SER A 204 14.49 -6.21 -34.77
CA SER A 204 15.54 -6.00 -33.77
C SER A 204 15.46 -7.04 -32.66
N ALA A 205 14.26 -7.33 -32.19
CA ALA A 205 14.07 -8.30 -31.12
C ALA A 205 14.54 -9.66 -31.59
N MET A 206 14.13 -10.06 -32.80
CA MET A 206 14.54 -11.35 -33.35
C MET A 206 16.06 -11.40 -33.56
N ALA A 207 16.63 -10.27 -33.96
CA ALA A 207 18.08 -10.20 -34.20
C ALA A 207 18.83 -10.28 -32.87
N LEU A 208 18.22 -9.72 -31.84
CA LEU A 208 18.81 -9.73 -30.50
C LEU A 208 18.77 -11.14 -29.93
N LEU A 209 17.69 -11.85 -30.20
CA LEU A 209 17.50 -13.21 -29.71
C LEU A 209 18.36 -14.16 -30.54
N ASP A 210 18.47 -13.90 -31.83
CA ASP A 210 19.28 -14.73 -32.71
C ASP A 210 20.71 -14.70 -32.19
N ALA A 211 21.16 -13.51 -31.80
CA ALA A 211 22.51 -13.36 -31.27
C ALA A 211 22.67 -14.08 -29.92
N ALA A 212 21.70 -13.89 -29.03
CA ALA A 212 21.73 -14.52 -27.71
C ALA A 212 21.76 -16.04 -27.79
N ASN A 213 20.90 -16.62 -28.62
CA ASN A 213 20.86 -18.07 -28.77
C ASN A 213 22.14 -18.62 -29.37
N THR A 214 22.55 -18.04 -30.49
CA THR A 214 23.72 -18.47 -31.20
C THR A 214 25.03 -18.23 -30.44
N GLY A 215 25.09 -17.12 -29.71
CA GLY A 215 26.30 -16.80 -28.96
C GLY A 215 26.55 -17.73 -27.79
N THR A 216 25.48 -18.23 -27.20
CA THR A 216 25.56 -19.13 -26.07
C THR A 216 25.63 -20.59 -26.48
N TYR A 217 24.83 -21.00 -27.44
CA TYR A 217 24.82 -22.40 -27.84
C TYR A 217 25.40 -22.74 -29.21
N GLY A 218 25.97 -21.74 -29.89
CA GLY A 218 26.55 -21.97 -31.20
C GLY A 218 25.58 -21.80 -32.35
N HIS A 219 26.09 -21.68 -33.57
CA HIS A 219 25.25 -21.51 -34.73
C HIS A 219 24.62 -22.84 -35.10
N PRO A 220 23.30 -22.87 -35.33
CA PRO A 220 22.63 -24.12 -35.71
C PRO A 220 23.35 -24.74 -36.90
N GLU A 221 23.34 -26.06 -36.98
CA GLU A 221 23.99 -26.77 -38.08
C GLU A 221 23.13 -27.95 -38.55
N ILE A 222 23.36 -28.41 -39.77
CA ILE A 222 22.62 -29.53 -40.31
C ILE A 222 22.63 -30.68 -39.29
N THR A 223 21.44 -31.07 -38.84
CA THR A 223 21.29 -32.12 -37.84
C THR A 223 20.20 -33.12 -38.18
N LYS A 224 20.37 -34.34 -37.71
CA LYS A 224 19.39 -35.41 -37.91
C LYS A 224 18.79 -35.76 -36.54
N VAL A 225 17.55 -35.34 -36.35
CA VAL A 225 16.84 -35.58 -35.10
C VAL A 225 16.02 -36.86 -35.16
N ASN A 226 16.20 -37.73 -34.18
CA ASN A 226 15.46 -38.98 -34.14
C ASN A 226 14.10 -38.69 -33.55
N ILE A 227 13.04 -39.20 -34.18
CA ILE A 227 11.70 -38.97 -33.66
C ILE A 227 11.16 -40.22 -32.97
N GLY A 228 12.06 -41.18 -32.74
CA GLY A 228 11.68 -42.40 -32.05
C GLY A 228 12.01 -42.19 -30.59
N VAL A 229 11.78 -43.20 -29.76
CA VAL A 229 12.06 -43.08 -28.34
C VAL A 229 12.98 -44.18 -27.79
N GLY A 230 13.42 -43.98 -26.55
CA GLY A 230 14.29 -44.94 -25.91
C GLY A 230 13.52 -45.78 -24.90
N SER A 231 14.26 -46.40 -23.98
CA SER A 231 13.67 -47.27 -22.98
C SER A 231 13.79 -46.74 -21.56
N ASN A 232 14.52 -45.64 -21.40
CA ASN A 232 14.68 -45.05 -20.08
C ASN A 232 13.56 -44.05 -19.80
N PRO A 233 13.25 -43.84 -18.52
CA PRO A 233 12.18 -42.88 -18.23
C PRO A 233 12.66 -41.58 -18.84
N GLY A 234 11.77 -40.61 -19.03
CA GLY A 234 12.21 -39.36 -19.60
C GLY A 234 11.38 -38.17 -19.22
N ILE A 235 11.88 -37.00 -19.58
CA ILE A 235 11.20 -35.73 -19.35
C ILE A 235 11.08 -35.03 -20.70
N LEU A 236 9.88 -34.55 -21.03
CA LEU A 236 9.65 -33.85 -22.28
C LEU A 236 9.59 -32.34 -22.03
N ILE A 237 10.48 -31.59 -22.67
CA ILE A 237 10.50 -30.14 -22.48
C ILE A 237 9.88 -29.50 -23.73
N SER A 238 8.98 -28.54 -23.51
CA SER A 238 8.27 -27.86 -24.59
C SER A 238 8.49 -26.35 -24.57
N GLY A 239 8.00 -25.65 -25.59
CA GLY A 239 8.17 -24.22 -25.64
C GLY A 239 9.29 -23.75 -26.54
N HIS A 240 9.97 -22.67 -26.14
CA HIS A 240 11.07 -22.10 -26.92
C HIS A 240 12.33 -21.76 -26.12
N ASP A 241 12.22 -21.72 -24.79
CA ASP A 241 13.37 -21.36 -23.96
C ASP A 241 14.48 -22.38 -23.94
N LEU A 242 15.65 -22.00 -24.46
CA LEU A 242 16.80 -22.88 -24.51
C LEU A 242 17.57 -22.90 -23.20
N ARG A 243 17.49 -21.81 -22.45
CA ARG A 243 18.19 -21.72 -21.17
C ARG A 243 17.71 -22.83 -20.22
N ASP A 244 16.40 -22.99 -20.10
CA ASP A 244 15.87 -24.04 -19.23
C ASP A 244 16.42 -25.40 -19.67
N LEU A 245 16.57 -25.59 -20.97
CA LEU A 245 17.08 -26.85 -21.49
C LEU A 245 18.52 -27.13 -21.06
N GLU A 246 19.35 -26.10 -20.99
CA GLU A 246 20.74 -26.31 -20.59
C GLU A 246 20.79 -26.78 -19.13
N MET A 247 19.97 -26.18 -18.29
CA MET A 247 19.94 -26.54 -16.88
C MET A 247 19.37 -27.93 -16.66
N LEU A 248 18.29 -28.24 -17.39
CA LEU A 248 17.65 -29.54 -17.30
C LEU A 248 18.61 -30.67 -17.69
N LEU A 249 19.37 -30.44 -18.76
CA LEU A 249 20.32 -31.43 -19.26
C LEU A 249 21.54 -31.57 -18.36
N LYS A 250 22.03 -30.47 -17.81
CA LYS A 250 23.18 -30.53 -16.91
C LYS A 250 22.79 -31.34 -15.68
N GLN A 251 21.58 -31.09 -15.20
CA GLN A 251 21.07 -31.75 -14.00
C GLN A 251 20.60 -33.19 -14.18
N THR A 252 20.26 -33.56 -15.42
CA THR A 252 19.80 -34.92 -15.69
C THR A 252 20.98 -35.83 -16.02
N GLU A 253 22.17 -35.25 -15.99
CA GLU A 253 23.42 -35.96 -16.27
C GLU A 253 23.71 -37.02 -15.22
N GLY A 254 23.75 -38.28 -15.64
CA GLY A 254 24.02 -39.38 -14.73
C GLY A 254 22.88 -39.95 -13.91
N THR A 255 21.67 -39.43 -14.08
CA THR A 255 20.52 -39.90 -13.31
C THR A 255 19.74 -41.03 -13.99
N GLY A 256 20.09 -41.32 -15.24
CA GLY A 256 19.40 -42.35 -15.98
C GLY A 256 18.13 -41.85 -16.65
N VAL A 257 17.80 -40.58 -16.45
CA VAL A 257 16.60 -39.99 -17.03
C VAL A 257 16.92 -39.26 -18.35
N ASP A 258 16.34 -39.73 -19.45
CA ASP A 258 16.57 -39.09 -20.73
C ASP A 258 15.78 -37.81 -20.86
N VAL A 259 16.09 -37.04 -21.91
CA VAL A 259 15.42 -35.78 -22.17
C VAL A 259 14.96 -35.74 -23.62
N TYR A 260 13.71 -35.37 -23.83
CA TYR A 260 13.11 -35.27 -25.15
C TYR A 260 12.55 -33.86 -25.36
N THR A 261 12.39 -33.44 -26.62
CA THR A 261 11.83 -32.13 -26.91
C THR A 261 10.45 -32.25 -27.52
N HIS A 262 9.70 -31.16 -27.49
CA HIS A 262 8.34 -31.15 -28.04
C HIS A 262 7.93 -29.83 -28.69
N SER A 263 7.40 -29.93 -29.90
CA SER A 263 6.94 -28.78 -30.65
C SER A 263 8.05 -27.81 -31.03
N GLU A 264 8.10 -26.66 -30.36
CA GLU A 264 9.11 -25.64 -30.67
C GLU A 264 10.48 -25.82 -30.01
N MET A 265 10.67 -26.92 -29.28
CA MET A 265 11.96 -27.17 -28.65
C MET A 265 12.79 -28.10 -29.53
N LEU A 266 12.22 -28.51 -30.66
CA LEU A 266 12.91 -29.37 -31.63
C LEU A 266 14.21 -28.73 -32.10
N PRO A 267 14.19 -27.42 -32.45
CA PRO A 267 15.38 -26.70 -32.93
C PRO A 267 16.58 -26.73 -31.99
N ALA A 268 16.35 -26.93 -30.71
CA ALA A 268 17.47 -26.98 -29.77
C ALA A 268 18.44 -28.08 -30.19
N HIS A 269 17.91 -29.10 -30.88
CA HIS A 269 18.70 -30.24 -31.38
C HIS A 269 19.71 -29.78 -32.43
N TYR A 270 19.44 -28.62 -33.02
CA TYR A 270 20.27 -28.05 -34.07
C TYR A 270 21.50 -27.30 -33.56
N TYR A 271 21.60 -27.13 -32.25
CA TYR A 271 22.72 -26.40 -31.67
C TYR A 271 23.86 -27.33 -31.26
N PRO A 272 25.11 -26.97 -31.60
CA PRO A 272 26.29 -27.77 -31.29
C PRO A 272 26.46 -28.07 -29.80
N ALA A 273 26.22 -27.08 -28.95
CA ALA A 273 26.36 -27.25 -27.50
C ALA A 273 25.55 -28.40 -26.92
N PHE A 274 24.26 -28.44 -27.23
CA PHE A 274 23.38 -29.48 -26.70
C PHE A 274 23.67 -30.86 -27.28
N LYS A 275 24.49 -30.91 -28.31
CA LYS A 275 24.81 -32.19 -28.92
C LYS A 275 25.82 -32.97 -28.07
N LYS A 276 26.33 -32.35 -27.01
CA LYS A 276 27.31 -33.01 -26.16
C LYS A 276 26.77 -33.79 -24.97
N TYR A 277 25.45 -33.94 -24.88
CA TYR A 277 24.87 -34.72 -23.78
C TYR A 277 24.26 -35.99 -24.36
N ALA A 278 24.82 -37.12 -23.97
CA ALA A 278 24.37 -38.43 -24.43
C ALA A 278 22.89 -38.73 -24.18
N HIS A 279 22.35 -38.23 -23.07
CA HIS A 279 20.95 -38.49 -22.72
C HIS A 279 19.94 -37.59 -23.41
N PHE A 280 20.39 -36.76 -24.34
CA PHE A 280 19.47 -35.89 -25.07
C PHE A 280 18.88 -36.72 -26.21
N LYS A 281 17.78 -37.40 -25.94
CA LYS A 281 17.11 -38.27 -26.92
C LYS A 281 16.62 -37.51 -28.16
N GLY A 282 15.42 -37.80 -28.63
CA GLY A 282 14.93 -37.11 -29.82
C GLY A 282 13.82 -36.09 -29.61
N ASN A 283 13.04 -35.86 -30.66
CA ASN A 283 11.91 -34.92 -30.60
C ASN A 283 10.67 -35.79 -30.65
N TYR A 284 9.82 -35.67 -29.63
CA TYR A 284 8.60 -36.48 -29.53
C TYR A 284 7.31 -35.80 -29.97
N GLY A 285 6.67 -36.32 -31.01
CA GLY A 285 5.39 -35.75 -31.42
C GLY A 285 5.35 -34.68 -32.51
N ASN A 286 4.38 -33.79 -32.40
CA ASN A 286 4.22 -32.74 -33.39
C ASN A 286 3.88 -31.35 -32.82
N ALA A 287 3.04 -30.61 -33.52
CA ALA A 287 2.67 -29.29 -33.04
C ALA A 287 2.00 -29.39 -31.68
N TRP A 288 2.00 -28.28 -30.97
CA TRP A 288 1.42 -28.18 -29.63
C TRP A 288 0.00 -28.72 -29.45
N TRP A 289 -0.87 -28.46 -30.43
CA TRP A 289 -2.27 -28.86 -30.31
C TRP A 289 -2.57 -30.35 -30.18
N LYS A 290 -1.55 -31.18 -30.34
CA LYS A 290 -1.74 -32.62 -30.20
C LYS A 290 -1.17 -33.10 -28.88
N GLN A 291 -0.93 -32.16 -27.95
CA GLN A 291 -0.36 -32.50 -26.65
C GLN A 291 -1.31 -33.29 -25.76
N LYS A 292 -2.61 -33.10 -25.90
CA LYS A 292 -3.53 -33.86 -25.05
C LYS A 292 -3.33 -35.34 -25.33
N GLU A 293 -2.92 -35.66 -26.55
CA GLU A 293 -2.66 -37.04 -26.94
C GLU A 293 -1.20 -37.40 -26.66
N GLU A 294 -0.29 -36.57 -27.16
CA GLU A 294 1.13 -36.83 -27.01
C GLU A 294 1.72 -36.68 -25.62
N PHE A 295 1.21 -35.74 -24.84
CA PHE A 295 1.72 -35.58 -23.48
C PHE A 295 1.33 -36.84 -22.71
N GLU A 296 0.20 -37.43 -23.09
CA GLU A 296 -0.27 -38.64 -22.43
C GLU A 296 0.52 -39.89 -22.81
N SER A 297 0.76 -40.11 -24.11
CA SER A 297 1.51 -41.29 -24.51
C SER A 297 3.00 -41.19 -24.21
N PHE A 298 3.43 -40.01 -23.75
CA PHE A 298 4.82 -39.81 -23.40
C PHE A 298 5.08 -40.44 -22.02
N ASN A 299 4.01 -40.56 -21.23
CA ASN A 299 4.06 -41.15 -19.90
C ASN A 299 4.89 -40.42 -18.84
N GLY A 300 6.00 -39.80 -19.25
CA GLY A 300 6.84 -39.10 -18.29
C GLY A 300 6.48 -37.64 -18.06
N PRO A 301 7.19 -36.95 -17.13
CA PRO A 301 6.95 -35.55 -16.81
C PRO A 301 7.08 -34.64 -18.04
N VAL A 302 6.31 -33.55 -18.03
CA VAL A 302 6.31 -32.61 -19.14
C VAL A 302 6.61 -31.20 -18.66
N LEU A 303 7.72 -30.63 -19.11
CA LEU A 303 8.09 -29.28 -18.71
C LEU A 303 7.72 -28.26 -19.79
N LEU A 304 6.90 -27.27 -19.42
CA LEU A 304 6.48 -26.20 -20.33
C LEU A 304 7.24 -24.93 -19.98
N THR A 305 8.16 -24.52 -20.86
CA THR A 305 8.96 -23.33 -20.61
C THR A 305 8.23 -22.06 -21.02
N THR A 306 7.37 -22.19 -22.03
CA THR A 306 6.58 -21.06 -22.53
C THR A 306 5.29 -21.65 -23.07
N ASN A 307 4.57 -20.87 -23.86
CA ASN A 307 3.36 -21.37 -24.47
C ASN A 307 3.92 -22.21 -25.62
N CYS A 308 3.17 -23.17 -26.15
CA CYS A 308 1.72 -23.21 -26.03
C CYS A 308 1.27 -24.37 -25.12
N LEU A 309 0.59 -24.03 -24.03
CA LEU A 309 0.11 -25.06 -23.11
C LEU A 309 -1.41 -25.16 -23.17
N VAL A 310 -1.91 -26.33 -23.55
CA VAL A 310 -3.35 -26.57 -23.63
C VAL A 310 -3.83 -27.07 -22.28
N PRO A 311 -5.03 -26.64 -21.84
CA PRO A 311 -5.55 -27.09 -20.55
C PRO A 311 -5.40 -28.62 -20.46
N PRO A 312 -4.65 -29.11 -19.46
CA PRO A 312 -4.37 -30.53 -19.24
C PRO A 312 -5.57 -31.43 -18.95
N LYS A 313 -5.38 -32.72 -19.22
CA LYS A 313 -6.38 -33.73 -18.94
C LYS A 313 -5.95 -34.32 -17.61
N ASP A 314 -6.90 -34.70 -16.78
CA ASP A 314 -6.55 -35.26 -15.48
C ASP A 314 -5.57 -36.42 -15.55
N SER A 315 -5.62 -37.19 -16.63
CA SER A 315 -4.72 -38.32 -16.80
C SER A 315 -3.24 -37.96 -16.71
N TYR A 316 -2.88 -36.71 -17.04
CA TYR A 316 -1.45 -36.33 -16.97
C TYR A 316 -1.20 -34.98 -16.31
N LYS A 317 -2.25 -34.39 -15.74
CA LYS A 317 -2.15 -33.10 -15.08
C LYS A 317 -1.15 -33.11 -13.94
N ASP A 318 -1.04 -34.25 -13.29
CA ASP A 318 -0.14 -34.42 -12.15
C ASP A 318 1.33 -34.42 -12.53
N ARG A 319 1.62 -34.65 -13.81
CA ARG A 319 3.01 -34.67 -14.24
C ARG A 319 3.31 -33.56 -15.23
N VAL A 320 2.61 -32.44 -15.08
CA VAL A 320 2.81 -31.28 -15.94
C VAL A 320 3.43 -30.19 -15.07
N TYR A 321 4.64 -29.78 -15.41
CA TYR A 321 5.34 -28.72 -14.68
C TYR A 321 5.45 -27.47 -15.56
N THR A 322 5.11 -26.31 -15.00
CA THR A 322 5.20 -25.07 -15.73
C THR A 322 6.34 -24.26 -15.12
N THR A 323 6.84 -23.29 -15.85
CA THR A 323 7.93 -22.46 -15.36
C THR A 323 7.91 -21.13 -16.10
N GLY A 324 8.67 -20.15 -15.63
CA GLY A 324 8.66 -18.85 -16.30
C GLY A 324 7.28 -18.26 -16.18
N ILE A 325 6.79 -17.59 -17.23
CA ILE A 325 5.45 -17.01 -17.17
C ILE A 325 4.31 -17.98 -17.43
N VAL A 326 4.66 -19.22 -17.77
CA VAL A 326 3.65 -20.24 -18.04
C VAL A 326 2.92 -20.60 -16.76
N GLY A 327 1.66 -21.00 -16.86
CA GLY A 327 0.93 -21.34 -15.66
C GLY A 327 -0.47 -21.90 -15.81
N PHE A 328 -0.78 -22.85 -14.94
CA PHE A 328 -2.10 -23.46 -14.91
C PHE A 328 -2.38 -23.92 -13.49
N THR A 329 -3.44 -23.38 -12.90
CA THR A 329 -3.85 -23.71 -11.55
C THR A 329 -3.92 -25.22 -11.33
N GLY A 330 -3.16 -25.70 -10.35
CA GLY A 330 -3.14 -27.13 -10.09
C GLY A 330 -1.91 -27.80 -10.68
N CYS A 331 -1.14 -27.06 -11.48
CA CYS A 331 0.07 -27.61 -12.08
C CYS A 331 1.29 -27.01 -11.40
N LYS A 332 2.16 -27.89 -10.90
CA LYS A 332 3.37 -27.47 -10.22
C LYS A 332 4.18 -26.48 -11.08
N HIS A 333 4.61 -25.39 -10.46
CA HIS A 333 5.37 -24.34 -11.13
C HIS A 333 6.80 -24.22 -10.60
N ILE A 334 7.78 -24.29 -11.50
CA ILE A 334 9.20 -24.15 -11.12
C ILE A 334 9.50 -22.66 -11.32
N PRO A 335 9.83 -21.94 -10.23
CA PRO A 335 10.14 -20.49 -10.28
C PRO A 335 11.38 -20.08 -11.08
N GLY A 336 11.25 -19.01 -11.85
CA GLY A 336 12.36 -18.50 -12.65
C GLY A 336 11.94 -17.98 -14.02
N GLU A 337 12.03 -16.66 -14.23
CA GLU A 337 11.67 -16.05 -15.52
C GLU A 337 12.82 -15.23 -16.12
N ILE A 338 14.02 -15.36 -15.56
CA ILE A 338 15.18 -14.62 -16.08
C ILE A 338 16.44 -15.48 -16.20
N GLY A 339 16.28 -16.74 -16.58
CA GLY A 339 17.42 -17.63 -16.73
C GLY A 339 18.22 -17.94 -15.48
N GLU A 340 17.71 -17.55 -14.32
CA GLU A 340 18.37 -17.81 -13.03
C GLU A 340 18.39 -19.33 -12.84
N HIS A 341 19.18 -19.79 -11.88
CA HIS A 341 19.27 -21.22 -11.60
C HIS A 341 17.92 -21.83 -11.22
N LYS A 342 17.57 -22.93 -11.88
CA LYS A 342 16.32 -23.61 -11.59
C LYS A 342 16.58 -25.00 -11.04
N ASP A 343 15.82 -25.38 -10.02
CA ASP A 343 15.98 -26.68 -9.40
C ASP A 343 14.99 -27.70 -9.98
N PHE A 344 15.46 -28.53 -10.91
CA PHE A 344 14.61 -29.54 -11.53
C PHE A 344 14.74 -30.90 -10.91
N SER A 345 15.19 -30.99 -9.65
CA SER A 345 15.33 -32.32 -9.05
C SER A 345 14.00 -32.99 -8.70
N ALA A 346 12.93 -32.22 -8.56
CA ALA A 346 11.63 -32.80 -8.26
C ALA A 346 11.06 -33.44 -9.52
N ILE A 347 11.20 -32.77 -10.65
CA ILE A 347 10.68 -33.31 -11.90
C ILE A 347 11.53 -34.50 -12.36
N ILE A 348 12.79 -34.53 -11.95
CA ILE A 348 13.69 -35.61 -12.31
C ILE A 348 13.41 -36.85 -11.45
N ALA A 349 12.96 -36.63 -10.21
CA ALA A 349 12.63 -37.72 -9.32
C ALA A 349 11.30 -38.32 -9.80
N HIS A 350 10.37 -37.44 -10.16
CA HIS A 350 9.06 -37.82 -10.64
C HIS A 350 9.15 -38.72 -11.87
N ALA A 351 10.12 -38.44 -12.74
CA ALA A 351 10.31 -39.24 -13.95
C ALA A 351 10.76 -40.68 -13.70
N LYS A 352 11.56 -40.89 -12.65
CA LYS A 352 12.05 -42.23 -12.37
C LYS A 352 10.92 -43.19 -12.04
N THR A 353 9.79 -42.63 -11.62
CA THR A 353 8.61 -43.42 -11.26
C THR A 353 7.63 -43.53 -12.43
N CYS A 354 8.05 -43.14 -13.64
CA CYS A 354 7.16 -43.21 -14.80
C CYS A 354 7.60 -44.20 -15.85
N PRO A 355 6.65 -44.76 -16.60
CA PRO A 355 7.06 -45.73 -17.64
C PRO A 355 7.83 -44.98 -18.71
N ALA A 356 8.72 -45.67 -19.41
CA ALA A 356 9.47 -45.01 -20.49
C ALA A 356 8.43 -44.55 -21.52
N PRO A 357 8.83 -43.72 -22.50
CA PRO A 357 7.91 -43.22 -23.51
C PRO A 357 7.31 -44.27 -24.45
N THR A 358 6.05 -44.08 -24.82
CA THR A 358 5.39 -44.99 -25.74
C THR A 358 5.61 -44.44 -27.15
N GLU A 359 6.46 -45.11 -27.92
CA GLU A 359 6.76 -44.69 -29.29
C GLU A 359 5.52 -44.50 -30.14
N ILE A 360 5.53 -43.49 -30.99
CA ILE A 360 4.41 -43.20 -31.88
C ILE A 360 4.87 -43.00 -33.33
N GLU A 361 6.18 -42.86 -33.52
CA GLU A 361 6.79 -42.69 -34.85
C GLU A 361 8.25 -43.11 -34.71
N SER A 362 8.88 -43.51 -35.81
CA SER A 362 10.29 -43.85 -35.77
C SER A 362 10.92 -43.12 -36.95
N GLY A 363 12.24 -43.16 -37.04
CA GLY A 363 12.91 -42.46 -38.12
C GLY A 363 13.53 -41.16 -37.62
N GLU A 364 13.77 -40.24 -38.54
CA GLU A 364 14.40 -38.97 -38.17
C GLU A 364 14.09 -37.87 -39.18
N ILE A 365 14.34 -36.63 -38.77
CA ILE A 365 14.12 -35.48 -39.63
C ILE A 365 15.37 -34.62 -39.64
N ILE A 366 15.60 -33.93 -40.76
CA ILE A 366 16.75 -33.07 -40.90
C ILE A 366 16.37 -31.64 -40.59
N GLY A 367 17.31 -30.88 -40.06
CA GLY A 367 17.06 -29.50 -39.73
C GLY A 367 18.34 -28.78 -39.39
N GLY A 368 18.22 -27.50 -39.01
CA GLY A 368 19.38 -26.71 -38.67
C GLY A 368 19.87 -25.84 -39.80
N PHE A 369 18.95 -25.36 -40.63
CA PHE A 369 19.32 -24.50 -41.74
C PHE A 369 19.07 -23.04 -41.42
N ALA A 370 19.70 -22.57 -40.35
CA ALA A 370 19.56 -21.17 -39.96
C ALA A 370 20.48 -20.32 -40.88
N HIS A 371 20.49 -19.01 -40.68
CA HIS A 371 21.28 -18.13 -41.56
C HIS A 371 22.75 -18.47 -41.71
N ASN A 372 23.43 -18.76 -40.61
CA ASN A 372 24.84 -19.10 -40.67
C ASN A 372 25.11 -20.38 -41.45
N GLN A 373 24.21 -21.35 -41.33
CA GLN A 373 24.37 -22.60 -42.05
C GLN A 373 24.05 -22.51 -43.54
N VAL A 374 22.99 -21.80 -43.91
CA VAL A 374 22.61 -21.66 -45.31
C VAL A 374 23.59 -20.74 -46.06
N LEU A 375 24.03 -19.68 -45.40
CA LEU A 375 25.00 -18.77 -46.03
C LEU A 375 26.28 -19.51 -46.44
N ALA A 376 26.61 -20.57 -45.69
CA ALA A 376 27.79 -21.38 -45.99
C ALA A 376 27.55 -22.24 -47.23
N LEU A 377 26.28 -22.45 -47.58
CA LEU A 377 25.91 -23.24 -48.75
C LEU A 377 25.42 -22.30 -49.84
N ALA A 378 25.58 -21.00 -49.62
CA ALA A 378 25.13 -19.98 -50.56
C ALA A 378 25.44 -20.25 -52.02
N ASP A 379 26.73 -20.28 -52.37
CA ASP A 379 27.11 -20.54 -53.77
C ASP A 379 26.40 -21.75 -54.36
N LYS A 380 26.23 -22.79 -53.53
CA LYS A 380 25.55 -24.00 -53.97
C LYS A 380 24.06 -23.76 -54.18
N VAL A 381 23.44 -22.99 -53.30
CA VAL A 381 22.02 -22.70 -53.45
C VAL A 381 21.82 -21.76 -54.63
N ILE A 382 22.82 -20.92 -54.88
CA ILE A 382 22.76 -19.96 -55.97
C ILE A 382 22.97 -20.64 -57.34
N ASP A 383 23.87 -21.61 -57.42
CA ASP A 383 24.08 -22.32 -58.67
C ASP A 383 22.82 -23.12 -59.01
N ALA A 384 22.08 -23.51 -57.97
CA ALA A 384 20.85 -24.27 -58.18
C ALA A 384 19.77 -23.35 -58.75
N VAL A 385 19.72 -22.11 -58.28
CA VAL A 385 18.72 -21.18 -58.79
C VAL A 385 19.08 -20.89 -60.24
N LYS A 386 20.33 -20.50 -60.48
CA LYS A 386 20.78 -20.19 -61.83
C LYS A 386 20.53 -21.30 -62.86
N SER A 387 20.83 -22.54 -62.48
CA SER A 387 20.65 -23.67 -63.41
C SER A 387 19.20 -24.06 -63.63
N GLY A 388 18.34 -23.68 -62.71
CA GLY A 388 16.94 -24.04 -62.84
C GLY A 388 16.62 -25.25 -62.00
N ALA A 389 17.62 -25.72 -61.25
CA ALA A 389 17.45 -26.86 -60.36
C ALA A 389 16.36 -26.50 -59.37
N ILE A 390 16.48 -25.32 -58.79
CA ILE A 390 15.48 -24.82 -57.85
C ILE A 390 14.76 -23.68 -58.55
N LYS A 391 13.53 -23.95 -58.97
CA LYS A 391 12.71 -23.00 -59.68
C LYS A 391 11.97 -22.03 -58.80
N LYS A 392 11.88 -22.33 -57.50
CA LYS A 392 11.10 -21.47 -56.62
C LYS A 392 11.29 -21.85 -55.16
N PHE A 393 11.37 -20.84 -54.29
CA PHE A 393 11.48 -21.10 -52.87
C PHE A 393 10.10 -20.80 -52.30
N VAL A 394 9.60 -21.66 -51.44
CA VAL A 394 8.30 -21.43 -50.84
C VAL A 394 8.45 -21.34 -49.32
N VAL A 395 8.21 -20.15 -48.79
CA VAL A 395 8.31 -19.94 -47.34
C VAL A 395 6.97 -20.30 -46.71
N MET A 396 6.98 -21.31 -45.83
CA MET A 396 5.76 -21.73 -45.17
C MET A 396 5.93 -21.72 -43.65
N ALA A 397 6.85 -20.89 -43.17
CA ALA A 397 7.11 -20.77 -41.74
C ALA A 397 5.85 -20.26 -41.04
N GLY A 398 5.89 -20.18 -39.71
CA GLY A 398 4.75 -19.68 -38.97
C GLY A 398 4.32 -20.58 -37.82
N CSS A 399 3.06 -20.47 -37.45
CA CSS A 399 2.50 -21.22 -36.40
CB CSS A 399 2.16 -20.20 -35.28
SG CSS A 399 3.57 -19.31 -34.53
SD CSS A 399 2.76 -18.04 -33.13
C CSS A 399 1.24 -22.16 -36.81
O CSS A 399 0.33 -21.79 -37.55
N ASP A 400 1.30 -23.37 -36.28
CA ASP A 400 0.28 -24.40 -36.48
C ASP A 400 -0.88 -24.23 -35.48
N GLY A 401 -2.00 -24.90 -35.76
CA GLY A 401 -3.16 -24.80 -34.87
C GLY A 401 -4.11 -25.96 -35.07
N ARG A 402 -5.22 -25.96 -34.33
CA ARG A 402 -6.23 -27.01 -34.40
C ARG A 402 -7.10 -27.06 -35.66
N ALA A 403 -7.43 -25.91 -36.24
CA ALA A 403 -8.31 -25.85 -37.42
C ALA A 403 -8.01 -26.97 -38.40
N LYS A 404 -9.02 -27.75 -38.75
CA LYS A 404 -8.79 -28.87 -39.65
C LYS A 404 -8.62 -28.44 -41.10
N SER A 405 -8.82 -27.15 -41.36
CA SER A 405 -8.65 -26.60 -42.69
C SER A 405 -7.16 -26.45 -42.98
N ARG A 406 -6.36 -26.63 -41.93
CA ARG A 406 -4.91 -26.53 -42.06
C ARG A 406 -4.33 -27.73 -42.76
N SER A 407 -5.20 -28.63 -43.21
CA SER A 407 -4.75 -29.80 -43.96
C SER A 407 -4.29 -29.22 -45.28
N TYR A 408 -4.73 -27.99 -45.53
CA TYR A 408 -4.37 -27.25 -46.75
C TYR A 408 -2.87 -27.18 -46.92
N TYR A 409 -2.17 -26.80 -45.86
CA TYR A 409 -0.71 -26.67 -45.89
C TYR A 409 0.00 -27.99 -46.15
N THR A 410 -0.61 -29.08 -45.71
CA THR A 410 -0.01 -30.39 -45.92
C THR A 410 -0.20 -30.80 -47.37
N ASP A 411 -1.33 -30.44 -47.94
CA ASP A 411 -1.60 -30.76 -49.35
C ASP A 411 -0.81 -29.83 -50.25
N PHE A 412 -0.70 -28.56 -49.85
CA PHE A 412 0.06 -27.61 -50.63
C PHE A 412 1.47 -28.15 -50.79
N ALA A 413 2.16 -28.35 -49.66
CA ALA A 413 3.52 -28.88 -49.67
C ALA A 413 3.62 -30.19 -50.44
N GLU A 414 2.64 -31.06 -50.24
CA GLU A 414 2.64 -32.35 -50.92
C GLU A 414 2.50 -32.21 -52.44
N GLY A 415 1.75 -31.20 -52.88
CA GLY A 415 1.53 -30.99 -54.31
C GLY A 415 2.52 -30.17 -55.09
N LEU A 416 3.41 -29.46 -54.39
CA LEU A 416 4.43 -28.62 -55.04
C LEU A 416 5.29 -29.41 -56.02
N PRO A 417 5.66 -28.80 -57.17
CA PRO A 417 6.50 -29.49 -58.15
C PRO A 417 7.77 -29.89 -57.43
N LYS A 418 8.45 -30.94 -57.89
CA LYS A 418 9.67 -31.37 -57.22
C LYS A 418 10.89 -30.47 -57.43
N ASP A 419 10.71 -29.37 -58.16
CA ASP A 419 11.83 -28.46 -58.38
C ASP A 419 11.71 -27.21 -57.50
N THR A 420 10.99 -27.32 -56.39
CA THR A 420 10.84 -26.20 -55.47
C THR A 420 11.38 -26.57 -54.11
N VAL A 421 11.64 -25.56 -53.28
CA VAL A 421 12.19 -25.77 -51.95
C VAL A 421 11.35 -25.05 -50.91
N ILE A 422 10.96 -25.78 -49.88
CA ILE A 422 10.15 -25.19 -48.81
C ILE A 422 11.05 -24.68 -47.70
N LEU A 423 10.84 -23.43 -47.29
CA LEU A 423 11.61 -22.85 -46.21
C LEU A 423 10.63 -22.74 -45.06
N THR A 424 11.00 -23.27 -43.90
CA THR A 424 10.13 -23.24 -42.74
C THR A 424 10.84 -22.88 -41.44
N ALA A 425 10.05 -22.43 -40.48
CA ALA A 425 10.48 -22.03 -39.15
C ALA A 425 9.16 -21.90 -38.41
N GLY A 426 9.13 -22.29 -37.14
CA GLY A 426 7.90 -22.22 -36.39
C GLY A 426 7.20 -23.56 -36.46
N CYS A 427 6.37 -23.85 -35.47
CA CYS A 427 5.68 -25.14 -35.41
C CYS A 427 4.74 -25.42 -36.57
N ALA A 428 4.70 -24.52 -37.55
CA ALA A 428 3.86 -24.72 -38.72
C ALA A 428 4.50 -25.80 -39.60
N LYS A 429 5.75 -26.12 -39.28
CA LYS A 429 6.53 -27.12 -40.02
C LYS A 429 5.96 -28.53 -39.91
N TYR A 430 5.29 -28.83 -38.82
CA TYR A 430 4.74 -30.16 -38.60
C TYR A 430 3.73 -30.64 -39.63
N ARG A 431 3.11 -29.70 -40.33
CA ARG A 431 2.14 -30.01 -41.36
C ARG A 431 2.82 -30.67 -42.57
N TYR A 432 4.15 -30.64 -42.62
CA TYR A 432 4.84 -31.23 -43.76
C TYR A 432 6.29 -31.69 -43.49
N ASN A 433 6.75 -31.58 -42.26
CA ASN A 433 8.11 -31.99 -41.96
C ASN A 433 8.19 -33.50 -41.75
N LYS A 434 7.03 -34.17 -41.77
CA LYS A 434 6.98 -35.62 -41.60
C LYS A 434 6.67 -36.38 -42.89
N LEU A 435 6.61 -35.67 -44.01
CA LEU A 435 6.36 -36.30 -45.30
C LEU A 435 7.70 -36.74 -45.91
N ASN A 436 7.70 -37.09 -47.19
CA ASN A 436 8.95 -37.47 -47.85
C ASN A 436 9.04 -36.70 -49.15
N LEU A 437 9.45 -35.43 -49.04
CA LEU A 437 9.53 -34.58 -50.22
C LEU A 437 10.85 -34.69 -50.98
N GLY A 438 11.73 -35.56 -50.51
CA GLY A 438 13.00 -35.75 -51.18
C GLY A 438 13.95 -34.56 -51.14
N ASP A 439 14.75 -34.43 -52.19
CA ASP A 439 15.73 -33.35 -52.28
C ASP A 439 16.03 -32.92 -53.71
N ILE A 440 16.70 -31.78 -53.84
CA ILE A 440 17.08 -31.26 -55.14
C ILE A 440 18.59 -31.10 -55.18
N GLY A 441 19.25 -31.98 -55.91
CA GLY A 441 20.69 -31.93 -56.01
C GLY A 441 21.35 -32.03 -54.65
N GLY A 442 20.76 -32.82 -53.76
CA GLY A 442 21.32 -33.01 -52.42
C GLY A 442 20.86 -32.03 -51.35
N ILE A 443 20.04 -31.08 -51.74
CA ILE A 443 19.52 -30.08 -50.83
C ILE A 443 18.10 -30.47 -50.46
N PRO A 444 17.85 -30.76 -49.18
CA PRO A 444 16.50 -31.15 -48.73
C PRO A 444 15.43 -30.18 -49.24
N ARG A 445 14.26 -30.71 -49.58
CA ARG A 445 13.18 -29.86 -50.07
C ARG A 445 12.37 -29.21 -48.94
N VAL A 446 12.92 -29.32 -47.73
CA VAL A 446 12.34 -28.73 -46.54
C VAL A 446 13.54 -28.30 -45.72
N LEU A 447 13.74 -26.99 -45.60
CA LEU A 447 14.86 -26.46 -44.84
C LEU A 447 14.33 -25.81 -43.57
N ASP A 448 14.52 -26.49 -42.45
CA ASP A 448 14.04 -25.97 -41.16
C ASP A 448 15.05 -24.96 -40.64
N ALA A 449 14.64 -23.70 -40.50
CA ALA A 449 15.50 -22.65 -39.99
C ALA A 449 15.59 -22.78 -38.48
N GLY A 450 14.47 -23.15 -37.87
CA GLY A 450 14.42 -23.31 -36.43
C GLY A 450 13.05 -22.99 -35.87
N GLN A 451 13.03 -22.25 -34.76
CA GLN A 451 11.79 -21.87 -34.12
C GLN A 451 11.18 -20.73 -34.93
N CYS A 452 10.05 -20.21 -34.47
CA CYS A 452 9.39 -19.13 -35.19
C CYS A 452 10.26 -17.88 -35.14
N ASN A 453 11.05 -17.73 -34.08
CA ASN A 453 11.93 -16.58 -33.97
C ASN A 453 13.07 -16.74 -34.95
N ASP A 454 13.13 -17.90 -35.60
CA ASP A 454 14.17 -18.16 -36.59
C ASP A 454 13.71 -17.82 -38.00
N SER A 455 12.59 -17.09 -38.07
CA SER A 455 12.09 -16.64 -39.34
C SER A 455 13.11 -15.57 -39.69
N TYR A 456 13.80 -15.10 -38.65
CA TYR A 456 14.84 -14.08 -38.79
C TYR A 456 15.90 -14.55 -39.78
N SER A 457 16.27 -15.83 -39.69
CA SER A 457 17.27 -16.38 -40.59
C SER A 457 16.74 -16.43 -42.02
N LEU A 458 15.46 -16.78 -42.18
CA LEU A 458 14.88 -16.84 -43.52
C LEU A 458 14.97 -15.43 -44.12
N ALA A 459 14.72 -14.43 -43.30
CA ALA A 459 14.80 -13.05 -43.76
C ALA A 459 16.23 -12.73 -44.19
N VAL A 460 17.20 -13.03 -43.32
CA VAL A 460 18.61 -12.79 -43.62
C VAL A 460 19.02 -13.47 -44.94
N ILE A 461 18.66 -14.75 -45.08
CA ILE A 461 18.95 -15.51 -46.28
C ILE A 461 18.43 -14.79 -47.53
N ALA A 462 17.19 -14.30 -47.48
CA ALA A 462 16.59 -13.61 -48.61
C ALA A 462 17.37 -12.36 -48.99
N LEU A 463 17.66 -11.51 -48.00
CA LEU A 463 18.41 -10.29 -48.24
C LEU A 463 19.77 -10.64 -48.85
N LYS A 464 20.34 -11.77 -48.45
CA LYS A 464 21.62 -12.19 -48.97
C LYS A 464 21.56 -12.52 -50.46
N LEU A 465 20.53 -13.27 -50.86
CA LEU A 465 20.35 -13.63 -52.27
C LEU A 465 20.08 -12.41 -53.12
N LYS A 466 19.40 -11.42 -52.55
CA LYS A 466 19.09 -10.18 -53.26
C LYS A 466 20.39 -9.40 -53.51
N GLU A 467 21.32 -9.49 -52.56
CA GLU A 467 22.59 -8.79 -52.69
C GLU A 467 23.39 -9.52 -53.79
N VAL A 468 23.53 -10.83 -53.64
CA VAL A 468 24.26 -11.64 -54.61
C VAL A 468 23.73 -11.42 -56.03
N PHE A 469 22.44 -11.65 -56.24
CA PHE A 469 21.83 -11.46 -57.56
C PHE A 469 21.69 -9.99 -57.89
N GLY A 470 22.26 -9.12 -57.05
CA GLY A 470 22.16 -7.69 -57.30
C GLY A 470 20.79 -7.19 -57.73
N LEU A 471 19.74 -7.53 -56.97
CA LEU A 471 18.38 -7.10 -57.28
C LEU A 471 18.03 -5.86 -56.47
N GLU A 472 17.26 -4.94 -57.06
CA GLU A 472 16.87 -3.74 -56.33
C GLU A 472 15.69 -3.99 -55.39
N ASP A 473 14.84 -4.96 -55.72
CA ASP A 473 13.69 -5.27 -54.88
C ASP A 473 13.73 -6.73 -54.36
N VAL A 474 13.73 -6.90 -53.04
CA VAL A 474 13.77 -8.25 -52.46
C VAL A 474 12.66 -9.12 -53.06
N ASN A 475 11.53 -8.50 -53.38
CA ASN A 475 10.39 -9.19 -53.95
C ASN A 475 10.63 -9.67 -55.38
N ASP A 476 11.82 -9.41 -55.91
CA ASP A 476 12.12 -9.88 -57.26
C ASP A 476 12.77 -11.26 -57.21
N LEU A 477 12.94 -11.80 -56.01
CA LEU A 477 13.52 -13.13 -55.87
C LEU A 477 12.47 -14.19 -56.10
N PRO A 478 12.89 -15.37 -56.57
CA PRO A 478 11.95 -16.47 -56.82
C PRO A 478 11.42 -17.06 -55.52
N ILE A 479 10.76 -16.23 -54.71
CA ILE A 479 10.21 -16.68 -53.43
C ILE A 479 8.72 -16.41 -53.26
N VAL A 480 7.97 -17.47 -52.95
CA VAL A 480 6.53 -17.37 -52.72
C VAL A 480 6.34 -17.51 -51.23
N TYR A 481 5.53 -16.62 -50.64
CA TYR A 481 5.28 -16.64 -49.22
C TYR A 481 3.90 -17.16 -48.86
N ASN A 482 3.83 -18.40 -48.37
CA ASN A 482 2.58 -19.01 -47.96
C ASN A 482 2.71 -19.30 -46.46
N ILE A 483 2.53 -18.26 -45.65
CA ILE A 483 2.67 -18.36 -44.20
C ILE A 483 1.39 -18.60 -43.39
N ALA A 484 1.54 -19.36 -42.32
CA ALA A 484 0.44 -19.70 -41.42
C ALA A 484 0.70 -19.07 -40.06
N TRP A 485 -0.33 -18.51 -39.46
CA TRP A 485 -0.18 -17.88 -38.16
C TRP A 485 -1.15 -18.45 -37.12
N TYR A 486 -0.87 -18.21 -35.85
CA TYR A 486 -1.73 -18.67 -34.78
C TYR A 486 -1.89 -17.59 -33.73
N GLU A 487 -0.82 -17.29 -33.00
CA GLU A 487 -0.91 -16.27 -31.96
C GLU A 487 -0.07 -15.01 -32.21
N GLN A 488 0.07 -14.19 -31.19
CA GLN A 488 0.79 -12.92 -31.31
C GLN A 488 2.26 -12.97 -31.72
N LYS A 489 2.88 -14.13 -31.63
CA LYS A 489 4.28 -14.21 -32.01
C LYS A 489 4.37 -14.25 -33.52
N ALA A 490 3.42 -14.95 -34.14
CA ALA A 490 3.37 -15.05 -35.60
C ALA A 490 3.04 -13.63 -36.13
N VAL A 491 2.29 -12.86 -35.34
CA VAL A 491 1.91 -11.50 -35.72
C VAL A 491 3.08 -10.51 -35.75
N ILE A 492 4.11 -10.73 -34.93
CA ILE A 492 5.25 -9.81 -34.95
C ILE A 492 6.22 -10.23 -36.05
N VAL A 493 6.13 -11.48 -36.47
CA VAL A 493 6.97 -11.99 -37.54
C VAL A 493 6.46 -11.37 -38.84
N LEU A 494 5.14 -11.30 -38.96
CA LEU A 494 4.51 -10.73 -40.14
C LEU A 494 4.86 -9.26 -40.30
N LEU A 495 4.70 -8.49 -39.22
CA LEU A 495 5.00 -7.07 -39.26
C LEU A 495 6.48 -6.82 -39.53
N ALA A 496 7.32 -7.80 -39.19
CA ALA A 496 8.74 -7.67 -39.42
C ALA A 496 8.97 -7.81 -40.93
N LEU A 497 8.25 -8.76 -41.53
CA LEU A 497 8.36 -8.98 -42.96
C LEU A 497 7.86 -7.77 -43.72
N LEU A 498 6.78 -7.15 -43.24
CA LEU A 498 6.25 -5.98 -43.90
C LEU A 498 7.21 -4.79 -43.77
N SER A 499 7.86 -4.65 -42.63
CA SER A 499 8.80 -3.55 -42.47
C SER A 499 10.00 -3.74 -43.40
N LEU A 500 10.34 -5.00 -43.70
CA LEU A 500 11.46 -5.32 -44.58
C LEU A 500 11.08 -5.22 -46.07
N GLY A 501 9.83 -4.83 -46.34
CA GLY A 501 9.40 -4.66 -47.71
C GLY A 501 8.89 -5.90 -48.42
N VAL A 502 8.79 -7.03 -47.71
CA VAL A 502 8.29 -8.26 -48.32
C VAL A 502 6.82 -8.10 -48.66
N LYS A 503 6.48 -8.41 -49.91
CA LYS A 503 5.09 -8.29 -50.40
C LYS A 503 4.58 -9.60 -50.98
N ASN A 504 3.29 -9.61 -51.27
CA ASN A 504 2.61 -10.76 -51.84
C ASN A 504 2.52 -11.91 -50.83
N ILE A 505 2.51 -11.57 -49.55
CA ILE A 505 2.40 -12.58 -48.51
C ILE A 505 0.99 -13.18 -48.48
N HIS A 506 0.92 -14.51 -48.43
CA HIS A 506 -0.36 -15.20 -48.36
C HIS A 506 -0.50 -15.68 -46.91
N LEU A 507 -1.53 -15.19 -46.22
CA LEU A 507 -1.74 -15.54 -44.83
C LEU A 507 -2.95 -16.46 -44.63
N GLY A 508 -2.80 -17.45 -43.75
CA GLY A 508 -3.88 -18.39 -43.48
C GLY A 508 -3.75 -19.14 -42.17
N PRO A 509 -4.68 -20.06 -41.86
CA PRO A 509 -5.84 -20.48 -42.67
C PRO A 509 -6.94 -19.41 -42.81
N THR A 510 -6.80 -18.31 -42.07
CA THR A 510 -7.74 -17.20 -42.14
C THR A 510 -6.98 -15.93 -41.78
N LEU A 511 -7.57 -14.77 -42.05
CA LEU A 511 -6.90 -13.52 -41.72
C LEU A 511 -7.41 -13.02 -40.37
N PRO A 512 -6.53 -12.42 -39.55
CA PRO A 512 -6.87 -11.91 -38.22
C PRO A 512 -8.21 -11.16 -38.15
N ALA A 513 -8.96 -11.42 -37.09
CA ALA A 513 -10.24 -10.76 -36.92
C ALA A 513 -10.04 -9.32 -36.51
N PHE A 514 -8.89 -9.03 -35.89
CA PHE A 514 -8.60 -7.67 -35.44
C PHE A 514 -8.17 -6.73 -36.56
N LEU A 515 -8.30 -7.19 -37.80
CA LEU A 515 -7.96 -6.36 -38.94
C LEU A 515 -9.25 -5.81 -39.54
N SER A 516 -9.51 -4.52 -39.31
CA SER A 516 -10.72 -3.89 -39.83
C SER A 516 -10.65 -3.70 -41.36
N PRO A 517 -11.83 -3.63 -42.01
CA PRO A 517 -11.92 -3.45 -43.47
C PRO A 517 -10.93 -2.44 -44.04
N ASN A 518 -11.00 -1.20 -43.61
CA ASN A 518 -10.07 -0.19 -44.12
C ASN A 518 -8.60 -0.58 -43.87
N VAL A 519 -8.31 -1.14 -42.69
CA VAL A 519 -6.94 -1.53 -42.39
C VAL A 519 -6.53 -2.69 -43.29
N ALA A 520 -7.45 -3.62 -43.51
CA ALA A 520 -7.15 -4.76 -44.37
C ALA A 520 -6.94 -4.26 -45.78
N LYS A 521 -7.66 -3.19 -46.12
CA LYS A 521 -7.55 -2.59 -47.45
C LYS A 521 -6.13 -2.11 -47.70
N VAL A 522 -5.56 -1.41 -46.72
CA VAL A 522 -4.21 -0.90 -46.85
C VAL A 522 -3.19 -2.02 -46.99
N LEU A 523 -3.38 -3.11 -46.25
CA LEU A 523 -2.43 -4.21 -46.37
C LEU A 523 -2.50 -4.75 -47.80
N VAL A 524 -3.71 -4.78 -48.35
CA VAL A 524 -3.89 -5.27 -49.72
C VAL A 524 -3.28 -4.32 -50.75
N GLU A 525 -3.57 -3.04 -50.65
CA GLU A 525 -3.05 -2.05 -51.60
C GLU A 525 -1.55 -1.83 -51.51
N GLN A 526 -1.02 -1.78 -50.31
CA GLN A 526 0.41 -1.51 -50.13
C GLN A 526 1.35 -2.71 -50.10
N PHE A 527 0.93 -3.84 -49.52
CA PHE A 527 1.82 -4.98 -49.46
C PHE A 527 1.25 -6.20 -50.17
N ASN A 528 0.07 -6.02 -50.74
CA ASN A 528 -0.61 -7.06 -51.48
C ASN A 528 -0.75 -8.36 -50.71
N ILE A 529 -1.30 -8.27 -49.50
CA ILE A 529 -1.52 -9.47 -48.70
C ILE A 529 -2.75 -10.18 -49.24
N GLY A 530 -2.78 -11.49 -49.05
CA GLY A 530 -3.91 -12.27 -49.52
C GLY A 530 -4.16 -13.45 -48.60
N GLY A 531 -5.24 -14.17 -48.86
CA GLY A 531 -5.57 -15.33 -48.07
C GLY A 531 -5.36 -16.58 -48.91
N ILE A 532 -5.95 -17.69 -48.50
CA ILE A 532 -5.78 -18.93 -49.24
C ILE A 532 -7.13 -19.49 -49.70
N THR A 533 -7.08 -20.41 -50.66
CA THR A 533 -8.27 -21.08 -51.16
C THR A 533 -8.00 -22.59 -51.08
N SER A 534 -8.06 -23.29 -52.20
CA SER A 534 -7.77 -24.72 -52.15
C SER A 534 -6.30 -24.92 -52.44
N PRO A 535 -5.72 -26.04 -52.01
CA PRO A 535 -4.30 -26.21 -52.30
C PRO A 535 -4.01 -26.35 -53.80
N GLN A 536 -4.93 -26.99 -54.51
CA GLN A 536 -4.74 -27.19 -55.96
C GLN A 536 -4.91 -25.87 -56.70
N ASP A 537 -5.82 -25.04 -56.22
CA ASP A 537 -6.07 -23.75 -56.88
C ASP A 537 -4.90 -22.80 -56.65
N ASP A 538 -4.39 -22.74 -55.43
CA ASP A 538 -3.27 -21.86 -55.10
C ASP A 538 -1.96 -22.35 -55.73
N LEU A 539 -1.82 -23.67 -55.91
CA LEU A 539 -0.60 -24.18 -56.51
C LEU A 539 -0.45 -23.66 -57.94
N LYS A 540 -1.58 -23.24 -58.52
CA LYS A 540 -1.61 -22.68 -59.86
C LYS A 540 -1.50 -21.15 -59.82
N ALA A 541 -2.33 -20.53 -59.01
CA ALA A 541 -2.33 -19.07 -58.88
C ALA A 541 -1.04 -18.51 -58.29
N PHE A 542 -0.70 -18.94 -57.08
CA PHE A 542 0.50 -18.44 -56.43
C PHE A 542 1.71 -18.42 -57.34
N PHE A 543 1.64 -19.19 -58.43
CA PHE A 543 2.71 -19.25 -59.40
C PHE A 543 2.11 -18.78 -60.73
N SER B 1 -16.76 46.20 39.40
CA SER B 1 -17.15 44.82 38.99
C SER B 1 -16.10 44.21 38.08
N ASN B 2 -15.99 42.89 38.15
CA ASN B 2 -15.04 42.14 37.36
C ASN B 2 -15.45 42.12 35.89
N ALA B 3 -14.49 42.18 35.00
CA ALA B 3 -14.75 42.11 33.58
C ALA B 3 -14.97 40.63 33.25
N MET B 4 -14.36 39.78 34.06
CA MET B 4 -14.44 38.33 33.91
C MET B 4 -14.13 37.69 35.27
N PHE B 5 -14.17 36.36 35.30
CA PHE B 5 -13.82 35.61 36.51
C PHE B 5 -13.56 34.15 36.20
N CYS B 6 -12.34 33.71 36.45
CA CYS B 6 -11.96 32.35 36.17
C CYS B 6 -10.86 31.95 37.16
N TYR B 7 -11.00 30.77 37.75
CA TYR B 7 -10.01 30.27 38.69
C TYR B 7 -9.88 28.75 38.57
N GLN B 8 -10.04 28.24 37.36
CA GLN B 8 -9.98 26.81 37.13
C GLN B 8 -8.59 26.20 36.97
N CYS B 9 -7.55 27.01 36.82
CA CYS B 9 -6.22 26.45 36.68
C CYS B 9 -5.27 26.91 37.80
N GLN B 10 -4.19 26.17 37.97
CA GLN B 10 -3.20 26.45 39.00
C GLN B 10 -2.67 27.87 39.03
N GLU B 11 -2.55 28.49 37.86
CA GLU B 11 -1.99 29.85 37.75
C GLU B 11 -2.89 31.07 37.96
N THR B 12 -4.11 30.87 38.42
CA THR B 12 -5.03 31.99 38.61
C THR B 12 -4.39 33.12 39.44
N VAL B 13 -4.48 34.35 38.93
CA VAL B 13 -3.89 35.54 39.56
C VAL B 13 -3.93 35.56 41.07
N GLY B 14 -2.74 35.57 41.68
CA GLY B 14 -2.64 35.60 43.13
C GLY B 14 -3.33 34.40 43.75
N ASN B 15 -3.41 33.32 43.00
CA ASN B 15 -4.08 32.09 43.41
C ASN B 15 -5.42 32.43 44.04
N LYS B 16 -6.14 33.34 43.40
CA LYS B 16 -7.44 33.79 43.87
C LYS B 16 -8.44 33.87 42.70
N GLY B 17 -7.93 34.12 41.50
CA GLY B 17 -8.80 34.21 40.34
C GLY B 17 -8.53 35.36 39.40
N CYS B 18 -8.68 35.10 38.11
CA CYS B 18 -8.48 36.12 37.09
C CYS B 18 -9.77 36.90 36.92
N THR B 19 -9.73 38.19 37.21
CA THR B 19 -10.91 39.05 37.14
C THR B 19 -10.97 40.00 35.95
N GLN B 20 -9.81 40.33 35.38
CA GLN B 20 -9.77 41.26 34.25
C GLN B 20 -9.24 40.61 32.97
N VAL B 21 -8.11 39.91 33.08
CA VAL B 21 -7.48 39.22 31.94
C VAL B 21 -6.74 37.99 32.45
N GLY B 22 -7.15 36.83 31.96
CA GLY B 22 -6.55 35.58 32.38
C GLY B 22 -5.05 35.51 32.20
N VAL B 23 -4.40 34.69 33.02
CA VAL B 23 -2.96 34.51 32.96
C VAL B 23 -2.56 33.67 31.76
N CYS B 24 -3.50 32.87 31.26
CA CYS B 24 -3.26 32.03 30.10
C CYS B 24 -3.44 32.85 28.82
N GLY B 25 -3.92 34.09 28.97
CA GLY B 25 -4.13 34.94 27.83
C GLY B 25 -5.59 35.10 27.45
N LYS B 26 -6.48 34.38 28.11
CA LYS B 26 -7.90 34.48 27.80
C LYS B 26 -8.42 35.86 28.15
N LYS B 27 -9.04 36.52 27.17
CA LYS B 27 -9.58 37.87 27.38
C LYS B 27 -10.96 37.79 28.03
N PRO B 28 -11.40 38.90 28.64
CA PRO B 28 -12.71 38.90 29.29
C PRO B 28 -13.89 38.53 28.40
N GLU B 29 -13.85 38.90 27.12
CA GLU B 29 -14.96 38.55 26.25
C GLU B 29 -14.92 37.08 25.89
N THR B 30 -13.71 36.52 25.81
CA THR B 30 -13.58 35.10 25.50
C THR B 30 -14.07 34.30 26.71
N ALA B 31 -13.87 34.88 27.90
CA ALA B 31 -14.28 34.25 29.16
C ALA B 31 -15.80 34.25 29.34
N ALA B 32 -16.46 35.28 28.80
CA ALA B 32 -17.91 35.38 28.89
C ALA B 32 -18.55 34.36 27.95
N LEU B 33 -17.93 34.14 26.80
CA LEU B 33 -18.46 33.19 25.83
C LEU B 33 -18.32 31.77 26.37
N GLN B 34 -17.23 31.50 27.11
CA GLN B 34 -17.05 30.18 27.67
C GLN B 34 -18.07 30.00 28.81
N ASP B 35 -18.31 31.07 29.57
CA ASP B 35 -19.28 31.00 30.66
C ASP B 35 -20.68 30.80 30.09
N ALA B 36 -20.94 31.44 28.96
CA ALA B 36 -22.24 31.31 28.30
C ALA B 36 -22.41 29.89 27.84
N LEU B 37 -21.34 29.34 27.27
CA LEU B 37 -21.34 27.97 26.76
C LEU B 37 -21.53 26.91 27.83
N ILE B 38 -20.84 27.05 28.96
CA ILE B 38 -20.95 26.09 30.06
C ILE B 38 -22.38 26.08 30.58
N TYR B 39 -22.98 27.27 30.60
CA TYR B 39 -24.34 27.47 31.06
C TYR B 39 -25.37 26.69 30.23
N VAL B 40 -25.28 26.80 28.91
CA VAL B 40 -26.21 26.07 28.05
C VAL B 40 -25.84 24.61 27.93
N THR B 41 -24.64 24.23 28.36
CA THR B 41 -24.21 22.83 28.30
C THR B 41 -24.82 22.11 29.49
N LYS B 42 -25.11 22.85 30.55
CA LYS B 42 -25.71 22.26 31.72
C LYS B 42 -27.22 22.16 31.46
N GLY B 43 -27.74 23.14 30.73
CA GLY B 43 -29.15 23.13 30.38
C GLY B 43 -29.43 21.96 29.45
N LEU B 44 -28.45 21.62 28.62
CA LEU B 44 -28.60 20.50 27.71
C LEU B 44 -28.51 19.20 28.50
N GLY B 45 -27.62 19.17 29.48
CA GLY B 45 -27.45 17.99 30.31
C GLY B 45 -28.71 17.69 31.07
N GLN B 46 -29.41 18.74 31.52
CA GLN B 46 -30.65 18.55 32.25
C GLN B 46 -31.70 17.94 31.34
N ILE B 47 -31.98 18.63 30.23
CA ILE B 47 -32.95 18.17 29.25
C ILE B 47 -32.64 16.74 28.82
N ALA B 48 -31.38 16.48 28.50
CA ALA B 48 -30.97 15.14 28.11
C ALA B 48 -31.20 14.16 29.26
N THR B 49 -30.91 14.61 30.48
CA THR B 49 -31.09 13.80 31.67
C THR B 49 -32.57 13.46 31.90
N ARG B 50 -33.45 14.45 31.73
CA ARG B 50 -34.87 14.23 31.94
C ARG B 50 -35.46 13.29 30.89
N LEU B 51 -34.91 13.31 29.68
CA LEU B 51 -35.40 12.41 28.65
C LEU B 51 -35.05 10.97 29.04
N ARG B 52 -33.80 10.74 29.41
CA ARG B 52 -33.40 9.40 29.82
C ARG B 52 -34.24 8.94 31.00
N ALA B 53 -34.59 9.88 31.89
CA ALA B 53 -35.37 9.58 33.08
C ALA B 53 -36.81 9.17 32.80
N GLU B 54 -37.25 9.29 31.54
CA GLU B 54 -38.60 8.89 31.21
C GLU B 54 -38.52 7.81 30.14
N GLY B 55 -37.38 7.13 30.10
CA GLY B 55 -37.20 6.03 29.16
C GLY B 55 -36.77 6.35 27.75
N LYS B 56 -36.94 7.60 27.33
CA LYS B 56 -36.57 8.00 25.97
C LYS B 56 -35.07 8.01 25.73
N ALA B 57 -34.67 7.69 24.51
CA ALA B 57 -33.27 7.66 24.14
C ALA B 57 -32.74 9.06 23.85
N VAL B 58 -31.43 9.18 23.74
CA VAL B 58 -30.79 10.44 23.43
C VAL B 58 -29.64 10.17 22.48
N ASP B 59 -29.70 10.73 21.30
CA ASP B 59 -28.66 10.55 20.29
C ASP B 59 -27.25 10.80 20.81
N HIS B 60 -26.33 9.92 20.42
CA HIS B 60 -24.95 10.05 20.83
C HIS B 60 -24.28 11.33 20.32
N ARG B 61 -24.83 11.93 19.29
N ARG B 61 -24.84 11.93 19.29
CA ARG B 61 -24.22 13.17 18.77
CA ARG B 61 -24.26 13.17 18.75
C ARG B 61 -24.36 14.24 19.85
C ARG B 61 -24.39 14.26 19.81
N ILE B 62 -25.34 14.06 20.73
CA ILE B 62 -25.57 15.01 21.82
C ILE B 62 -24.44 14.87 22.84
N ASP B 63 -23.92 13.66 22.98
CA ASP B 63 -22.82 13.44 23.92
C ASP B 63 -21.56 14.16 23.41
N ARG B 64 -21.27 13.98 22.12
CA ARG B 64 -20.11 14.62 21.51
C ARG B 64 -20.23 16.15 21.53
N LEU B 65 -21.46 16.64 21.58
CA LEU B 65 -21.70 18.08 21.61
C LEU B 65 -21.31 18.59 22.98
N VAL B 66 -21.58 17.77 24.00
CA VAL B 66 -21.26 18.13 25.37
C VAL B 66 -19.78 17.99 25.68
N THR B 67 -19.16 16.92 25.20
CA THR B 67 -17.73 16.73 25.46
C THR B 67 -16.92 17.78 24.71
N GLY B 68 -17.33 18.09 23.48
CA GLY B 68 -16.63 19.08 22.70
C GLY B 68 -16.77 20.45 23.34
N ASN B 69 -17.93 20.69 23.94
CA ASN B 69 -18.21 21.96 24.60
C ASN B 69 -17.31 22.14 25.81
N LEU B 70 -17.31 21.15 26.69
CA LEU B 70 -16.50 21.19 27.90
C LEU B 70 -15.00 21.28 27.60
N PHE B 71 -14.54 20.49 26.64
CA PHE B 71 -13.13 20.49 26.30
C PHE B 71 -12.72 21.88 25.83
N ALA B 72 -13.56 22.50 25.01
CA ALA B 72 -13.28 23.83 24.50
C ALA B 72 -13.13 24.88 25.58
N THR B 73 -13.64 24.61 26.78
CA THR B 73 -13.53 25.58 27.88
C THR B 73 -12.34 25.27 28.79
N ILE B 74 -11.59 24.24 28.43
CA ILE B 74 -10.40 23.82 29.18
C ILE B 74 -9.25 24.81 28.93
N THR B 75 -8.39 24.98 29.92
CA THR B 75 -7.28 25.92 29.80
C THR B 75 -6.37 25.70 28.59
N ASN B 76 -6.18 26.79 27.83
CA ASN B 76 -5.34 26.78 26.62
C ASN B 76 -5.92 25.98 25.47
N ALA B 77 -7.24 25.80 25.48
CA ALA B 77 -7.89 25.04 24.43
C ALA B 77 -8.37 25.92 23.27
N ASN B 78 -9.24 26.89 23.55
CA ASN B 78 -9.78 27.74 22.50
C ASN B 78 -9.93 29.20 22.91
N PHE B 79 -9.32 30.08 22.13
CA PHE B 79 -9.35 31.52 22.35
C PHE B 79 -10.05 32.18 21.16
N ASP B 80 -10.77 31.39 20.37
CA ASP B 80 -11.45 31.92 19.19
C ASP B 80 -12.89 32.22 19.53
N ASP B 81 -13.20 33.50 19.69
CA ASP B 81 -14.54 33.97 20.02
C ASP B 81 -15.60 33.58 19.02
N ASP B 82 -15.32 33.76 17.73
CA ASP B 82 -16.30 33.39 16.72
C ASP B 82 -16.66 31.92 16.80
N ILE B 83 -15.66 31.07 17.10
CA ILE B 83 -15.92 29.64 17.19
C ILE B 83 -16.70 29.29 18.44
N LEU B 84 -16.36 29.93 19.57
CA LEU B 84 -17.06 29.69 20.82
C LEU B 84 -18.50 30.13 20.68
N ALA B 85 -18.68 31.25 19.99
CA ALA B 85 -20.02 31.79 19.77
C ALA B 85 -20.86 30.78 19.00
N GLU B 86 -20.26 30.15 17.99
CA GLU B 86 -20.98 29.18 17.19
C GLU B 86 -21.38 27.94 18.00
N ARG B 87 -20.50 27.47 18.87
CA ARG B 87 -20.82 26.29 19.67
C ARG B 87 -22.02 26.58 20.56
N VAL B 88 -22.21 27.86 20.90
CA VAL B 88 -23.36 28.27 21.73
C VAL B 88 -24.65 28.14 20.93
N ARG B 89 -24.58 28.39 19.63
CA ARG B 89 -25.77 28.30 18.78
C ARG B 89 -26.12 26.84 18.56
N MET B 90 -25.12 26.02 18.21
CA MET B 90 -25.36 24.61 17.99
C MET B 90 -25.99 24.01 19.26
N THR B 91 -25.51 24.44 20.41
CA THR B 91 -26.00 23.96 21.71
C THR B 91 -27.43 24.42 22.03
N CYS B 92 -27.75 25.66 21.67
CA CYS B 92 -29.10 26.19 21.89
C CYS B 92 -30.09 25.53 20.93
N ALA B 93 -29.59 25.16 19.75
CA ALA B 93 -30.43 24.52 18.75
C ALA B 93 -30.74 23.09 19.20
N ALA B 94 -29.70 22.35 19.57
CA ALA B 94 -29.88 20.97 19.99
C ALA B 94 -30.84 20.84 21.17
N LYS B 95 -30.70 21.71 22.18
CA LYS B 95 -31.56 21.61 23.35
C LYS B 95 -32.98 22.09 23.14
N LYS B 96 -33.20 22.94 22.14
CA LYS B 96 -34.56 23.39 21.87
C LYS B 96 -35.23 22.27 21.09
N GLU B 97 -34.40 21.44 20.46
CA GLU B 97 -34.85 20.31 19.67
C GLU B 97 -35.14 19.12 20.57
N LEU B 98 -34.25 18.87 21.54
CA LEU B 98 -34.47 17.73 22.43
C LEU B 98 -35.67 17.94 23.34
N ALA B 99 -35.74 19.12 23.96
CA ALA B 99 -36.83 19.45 24.86
C ALA B 99 -38.18 19.10 24.25
N ALA B 100 -38.34 19.36 22.96
CA ALA B 100 -39.59 19.06 22.29
C ALA B 100 -40.03 17.60 22.54
N SER B 101 -39.08 16.74 22.87
CA SER B 101 -39.37 15.32 23.12
C SER B 101 -39.87 14.95 24.53
N LEU B 102 -39.86 15.92 25.44
CA LEU B 102 -40.30 15.69 26.81
C LEU B 102 -41.81 15.65 26.99
N THR B 103 -42.35 14.53 27.50
CA THR B 103 -43.78 14.46 27.71
C THR B 103 -44.14 15.36 28.89
N ASP B 104 -43.11 15.80 29.63
CA ASP B 104 -43.28 16.71 30.77
C ASP B 104 -42.22 17.82 30.69
N LYS B 105 -42.64 19.03 30.31
CA LYS B 105 -41.71 20.16 30.13
C LYS B 105 -41.68 21.17 31.26
N SER B 106 -42.14 20.79 32.45
CA SER B 106 -42.17 21.73 33.56
C SER B 106 -40.93 21.72 34.46
N GLY B 107 -40.59 22.89 34.98
CA GLY B 107 -39.44 22.99 35.86
C GLY B 107 -38.16 23.33 35.12
N LEU B 108 -38.22 23.29 33.79
CA LEU B 108 -37.04 23.61 32.99
C LEU B 108 -36.45 24.93 33.46
N SER B 109 -35.14 24.92 33.72
CA SER B 109 -34.45 26.11 34.20
C SER B 109 -34.17 27.11 33.07
N ASP B 110 -33.71 28.30 33.44
CA ASP B 110 -33.39 29.30 32.42
C ASP B 110 -32.32 28.72 31.51
N ALA B 111 -31.34 28.04 32.11
CA ALA B 111 -30.25 27.42 31.37
C ALA B 111 -30.76 26.51 30.27
N ALA B 112 -31.87 25.84 30.53
CA ALA B 112 -32.49 24.95 29.55
C ALA B 112 -33.30 25.75 28.51
N LEU B 113 -33.93 26.82 28.95
CA LEU B 113 -34.76 27.65 28.06
C LEU B 113 -34.03 28.81 27.36
N TRP B 114 -33.05 29.44 28.01
CA TRP B 114 -32.32 30.55 27.39
C TRP B 114 -31.67 30.17 26.09
N GLU B 115 -31.66 31.11 25.14
CA GLU B 115 -31.04 30.90 23.83
C GLU B 115 -30.71 32.26 23.19
N ALA B 116 -29.60 32.32 22.47
CA ALA B 116 -29.18 33.57 21.83
C ALA B 116 -28.45 33.30 20.52
N SER B 117 -28.53 34.26 19.60
CA SER B 117 -27.88 34.13 18.30
C SER B 117 -26.79 35.19 18.14
N GLU B 118 -27.02 36.38 18.67
CA GLU B 118 -26.03 37.46 18.58
C GLU B 118 -24.96 37.33 19.67
N LYS B 119 -23.71 37.54 19.30
CA LYS B 119 -22.61 37.43 20.24
C LYS B 119 -22.67 38.43 21.40
N SER B 120 -23.12 39.67 21.10
CA SER B 120 -23.19 40.67 22.16
C SER B 120 -24.23 40.23 23.18
N ALA B 121 -25.22 39.47 22.74
CA ALA B 121 -26.27 39.00 23.64
C ALA B 121 -25.69 37.94 24.57
N MET B 122 -24.81 37.09 24.04
CA MET B 122 -24.18 36.05 24.86
C MET B 122 -23.31 36.73 25.93
N LEU B 123 -22.59 37.78 25.52
CA LEU B 123 -21.71 38.52 26.43
C LEU B 123 -22.48 39.18 27.56
N ALA B 124 -23.70 39.64 27.27
CA ALA B 124 -24.53 40.27 28.27
C ALA B 124 -25.05 39.24 29.28
N LYS B 125 -25.31 38.03 28.78
CA LYS B 125 -25.81 36.95 29.62
C LYS B 125 -24.72 36.36 30.52
N ALA B 126 -23.53 36.16 29.97
CA ALA B 126 -22.44 35.57 30.74
C ALA B 126 -22.24 36.17 32.12
N GLY B 127 -22.35 37.50 32.21
CA GLY B 127 -22.17 38.18 33.48
C GLY B 127 -23.02 37.73 34.65
N THR B 128 -24.10 36.99 34.40
CA THR B 128 -24.96 36.56 35.49
C THR B 128 -25.09 35.05 35.56
N VAL B 129 -24.23 34.34 34.83
CA VAL B 129 -24.25 32.88 34.83
C VAL B 129 -22.85 32.31 35.01
N GLY B 130 -22.00 33.06 35.68
CA GLY B 130 -20.63 32.63 35.90
C GLY B 130 -20.45 31.95 37.24
N VAL B 131 -19.21 31.96 37.73
CA VAL B 131 -18.88 31.34 39.01
C VAL B 131 -19.60 32.01 40.18
N MET B 132 -19.63 33.34 40.17
CA MET B 132 -20.24 34.11 41.25
C MET B 132 -21.78 34.11 41.34
N ALA B 133 -22.45 33.46 40.40
CA ALA B 133 -23.90 33.42 40.44
C ALA B 133 -24.41 32.62 41.63
N THR B 134 -23.56 31.72 42.13
CA THR B 134 -23.90 30.89 43.28
C THR B 134 -23.46 31.68 44.52
N THR B 135 -24.44 32.25 45.21
CA THR B 135 -24.16 33.05 46.40
C THR B 135 -23.52 32.31 47.57
N ASP B 136 -23.90 31.05 47.80
CA ASP B 136 -23.35 30.28 48.91
C ASP B 136 -21.95 29.75 48.60
N ASP B 137 -21.01 29.98 49.51
CA ASP B 137 -19.61 29.58 49.32
C ASP B 137 -19.25 28.11 49.16
N ASP B 138 -19.66 27.27 50.10
CA ASP B 138 -19.31 25.87 49.98
C ASP B 138 -19.96 25.24 48.74
N VAL B 139 -21.20 25.64 48.44
CA VAL B 139 -21.90 25.11 47.28
C VAL B 139 -21.24 25.61 45.99
N ARG B 140 -20.72 26.83 46.02
CA ARG B 140 -20.07 27.38 44.84
C ARG B 140 -18.78 26.60 44.60
N SER B 141 -18.03 26.37 45.66
CA SER B 141 -16.76 25.66 45.59
C SER B 141 -16.93 24.24 45.08
N LEU B 142 -18.01 23.58 45.49
CA LEU B 142 -18.26 22.22 45.08
C LEU B 142 -18.83 22.19 43.65
N ARG B 143 -19.70 23.15 43.35
CA ARG B 143 -20.29 23.21 42.01
C ARG B 143 -19.21 23.32 40.96
N TRP B 144 -18.16 24.08 41.26
CA TRP B 144 -17.11 24.23 40.27
C TRP B 144 -16.03 23.18 40.33
N LEU B 145 -15.82 22.60 41.51
CA LEU B 145 -14.85 21.55 41.67
C LEU B 145 -15.33 20.38 40.80
N ILE B 146 -16.65 20.21 40.77
CA ILE B 146 -17.29 19.15 40.01
C ILE B 146 -17.27 19.47 38.50
N THR B 147 -17.59 20.70 38.16
CA THR B 147 -17.60 21.11 36.76
C THR B 147 -16.21 20.92 36.16
N PHE B 148 -15.19 21.34 36.89
CA PHE B 148 -13.81 21.21 36.42
C PHE B 148 -13.41 19.76 36.34
N GLY B 149 -13.96 18.94 37.23
CA GLY B 149 -13.65 17.52 37.20
C GLY B 149 -14.29 16.92 35.97
N LEU B 150 -15.46 17.43 35.63
CA LEU B 150 -16.21 16.96 34.46
C LEU B 150 -15.55 17.35 33.14
N LYS B 151 -14.90 18.51 33.08
CA LYS B 151 -14.23 18.92 31.85
C LYS B 151 -13.11 17.93 31.56
N GLY B 152 -12.36 17.57 32.60
CA GLY B 152 -11.26 16.62 32.43
C GLY B 152 -11.75 15.24 32.05
N MET B 153 -12.85 14.82 32.65
CA MET B 153 -13.45 13.52 32.37
C MET B 153 -13.93 13.49 30.92
N ALA B 154 -14.51 14.61 30.48
CA ALA B 154 -15.03 14.72 29.13
C ALA B 154 -13.92 14.71 28.11
N ALA B 155 -12.78 15.29 28.46
CA ALA B 155 -11.66 15.34 27.54
C ALA B 155 -11.16 13.92 27.27
N TYR B 156 -11.09 13.11 28.32
CA TYR B 156 -10.64 11.73 28.21
C TYR B 156 -11.66 10.89 27.46
N ALA B 157 -12.92 11.02 27.83
CA ALA B 157 -13.99 10.28 27.16
C ALA B 157 -14.00 10.64 25.68
N LYS B 158 -13.71 11.90 25.37
CA LYS B 158 -13.69 12.34 23.98
C LYS B 158 -12.60 11.65 23.18
N HIS B 159 -11.42 11.51 23.76
CA HIS B 159 -10.33 10.85 23.05
C HIS B 159 -10.66 9.39 22.79
N ALA B 160 -11.35 8.75 23.73
CA ALA B 160 -11.75 7.35 23.56
C ALA B 160 -12.78 7.30 22.44
N ASP B 161 -13.66 8.29 22.43
CA ASP B 161 -14.71 8.40 21.44
C ASP B 161 -14.11 8.60 20.05
N VAL B 162 -13.04 9.38 19.97
CA VAL B 162 -12.36 9.62 18.70
C VAL B 162 -11.84 8.31 18.11
N LEU B 163 -11.56 7.33 18.97
CA LEU B 163 -11.05 6.04 18.54
C LEU B 163 -12.12 4.94 18.52
N GLY B 164 -13.39 5.35 18.55
CA GLY B 164 -14.47 4.38 18.51
C GLY B 164 -15.01 3.83 19.82
N LYS B 165 -14.52 4.33 20.97
CA LYS B 165 -15.03 3.83 22.24
C LYS B 165 -15.79 4.85 23.08
N HIS B 166 -16.95 4.42 23.58
CA HIS B 166 -17.79 5.26 24.42
C HIS B 166 -18.80 4.41 25.16
N GLU B 167 -18.96 4.68 26.45
CA GLU B 167 -19.92 3.96 27.26
C GLU B 167 -21.03 4.96 27.56
N ASN B 168 -22.27 4.57 27.27
CA ASN B 168 -23.40 5.46 27.51
C ASN B 168 -23.59 5.80 28.98
N SER B 169 -23.25 4.88 29.87
CA SER B 169 -23.38 5.12 31.30
C SER B 169 -22.46 6.26 31.70
N LEU B 170 -21.37 6.42 30.95
CA LEU B 170 -20.39 7.49 31.19
C LEU B 170 -20.97 8.85 30.77
N ASP B 171 -21.40 8.95 29.51
CA ASP B 171 -21.98 10.19 29.02
C ASP B 171 -23.20 10.58 29.84
N ALA B 172 -24.07 9.61 30.10
CA ALA B 172 -25.27 9.87 30.88
C ALA B 172 -24.91 10.47 32.24
N PHE B 173 -23.85 9.95 32.88
CA PHE B 173 -23.44 10.48 34.17
C PHE B 173 -22.92 11.91 34.06
N MET B 174 -22.13 12.19 33.02
CA MET B 174 -21.60 13.54 32.85
C MET B 174 -22.74 14.54 32.73
N GLN B 175 -23.71 14.25 31.88
CA GLN B 175 -24.84 15.15 31.68
C GLN B 175 -25.73 15.23 32.92
N GLU B 176 -25.81 14.16 33.68
CA GLU B 176 -26.60 14.13 34.91
C GLU B 176 -25.87 14.99 35.94
N ALA B 177 -24.55 14.86 35.96
CA ALA B 177 -23.75 15.61 36.89
C ALA B 177 -23.77 17.09 36.58
N LEU B 178 -23.71 17.44 35.30
CA LEU B 178 -23.73 18.85 34.89
C LEU B 178 -25.03 19.52 35.31
N ALA B 179 -26.12 18.79 35.19
CA ALA B 179 -27.44 19.30 35.55
C ALA B 179 -27.58 19.45 37.06
N LYS B 180 -26.93 18.58 37.81
CA LYS B 180 -27.01 18.66 39.26
C LYS B 180 -26.34 19.91 39.82
N THR B 181 -25.25 20.34 39.19
CA THR B 181 -24.57 21.55 39.66
C THR B 181 -25.42 22.77 39.35
N LEU B 182 -26.70 22.53 39.03
CA LEU B 182 -27.66 23.59 38.74
C LEU B 182 -28.88 23.45 39.67
N ASP B 183 -29.02 22.29 40.30
CA ASP B 183 -30.13 22.07 41.21
C ASP B 183 -29.78 22.73 42.55
N ASP B 184 -30.51 23.78 42.90
CA ASP B 184 -30.25 24.53 44.12
C ASP B 184 -30.64 23.80 45.41
N SER B 185 -31.38 22.70 45.27
CA SER B 185 -31.79 21.97 46.46
C SER B 185 -30.71 21.03 47.01
N LEU B 186 -29.74 20.65 46.19
CA LEU B 186 -28.71 19.75 46.69
C LEU B 186 -28.00 20.41 47.86
N SER B 187 -27.63 19.60 48.84
CA SER B 187 -26.93 20.10 50.02
C SER B 187 -25.44 19.93 49.81
N VAL B 188 -24.65 20.34 50.81
CA VAL B 188 -23.21 20.20 50.74
C VAL B 188 -22.84 18.72 50.81
N ALA B 189 -23.53 17.98 51.65
CA ALA B 189 -23.26 16.56 51.79
C ALA B 189 -23.50 15.81 50.47
N ASP B 190 -24.51 16.24 49.71
CA ASP B 190 -24.83 15.60 48.42
C ASP B 190 -23.80 15.93 47.36
N LEU B 191 -23.33 17.17 47.36
CA LEU B 191 -22.32 17.63 46.39
C LEU B 191 -20.97 16.98 46.66
N VAL B 192 -20.65 16.75 47.93
CA VAL B 192 -19.40 16.10 48.26
C VAL B 192 -19.55 14.69 47.69
N ALA B 193 -20.70 14.07 47.97
CA ALA B 193 -20.97 12.74 47.47
C ALA B 193 -20.82 12.75 45.96
N LEU B 194 -21.44 13.73 45.31
CA LEU B 194 -21.34 13.83 43.86
C LEU B 194 -19.90 14.05 43.43
N THR B 195 -19.12 14.76 44.26
CA THR B 195 -17.72 14.99 43.93
C THR B 195 -16.97 13.65 43.87
N LEU B 196 -17.22 12.79 44.86
CA LEU B 196 -16.56 11.48 44.92
C LEU B 196 -17.02 10.55 43.80
N GLU B 197 -18.28 10.66 43.40
CA GLU B 197 -18.79 9.83 42.32
C GLU B 197 -18.15 10.33 41.02
N THR B 198 -17.88 11.63 40.96
CA THR B 198 -17.25 12.23 39.78
C THR B 198 -15.88 11.59 39.60
N GLY B 199 -15.15 11.40 40.69
CA GLY B 199 -13.85 10.78 40.61
C GLY B 199 -13.98 9.32 40.17
N LYS B 200 -15.05 8.69 40.61
CA LYS B 200 -15.27 7.29 40.26
C LYS B 200 -15.41 7.15 38.75
N PHE B 201 -16.24 7.98 38.14
CA PHE B 201 -16.41 7.92 36.70
C PHE B 201 -15.16 8.45 36.01
N GLY B 202 -14.38 9.21 36.76
CA GLY B 202 -13.14 9.72 36.22
C GLY B 202 -12.29 8.50 35.93
N VAL B 203 -12.33 7.52 36.83
CA VAL B 203 -11.57 6.29 36.66
C VAL B 203 -12.06 5.52 35.44
N SER B 204 -13.39 5.47 35.26
CA SER B 204 -13.97 4.76 34.13
C SER B 204 -13.44 5.35 32.83
N ALA B 205 -13.57 6.66 32.69
CA ALA B 205 -13.10 7.39 31.51
C ALA B 205 -11.63 7.09 31.21
N MET B 206 -10.80 7.15 32.24
CA MET B 206 -9.38 6.89 32.07
C MET B 206 -9.19 5.45 31.59
N ALA B 207 -9.99 4.53 32.13
CA ALA B 207 -9.90 3.13 31.75
C ALA B 207 -10.36 2.95 30.31
N LEU B 208 -11.44 3.65 29.95
CA LEU B 208 -11.99 3.57 28.60
C LEU B 208 -10.98 4.10 27.58
N LEU B 209 -10.37 5.24 27.87
CA LEU B 209 -9.38 5.81 26.98
C LEU B 209 -8.20 4.87 26.91
N ASP B 210 -7.80 4.35 28.08
CA ASP B 210 -6.69 3.41 28.14
C ASP B 210 -6.97 2.22 27.23
N ALA B 211 -8.21 1.72 27.26
CA ALA B 211 -8.59 0.58 26.43
C ALA B 211 -8.62 0.99 24.95
N ALA B 212 -8.89 2.26 24.69
CA ALA B 212 -8.95 2.77 23.32
C ALA B 212 -7.55 2.93 22.72
N ASN B 213 -6.62 3.48 23.49
CA ASN B 213 -5.25 3.67 23.01
C ASN B 213 -4.51 2.36 22.78
N THR B 214 -4.40 1.54 23.82
CA THR B 214 -3.69 0.26 23.71
C THR B 214 -4.38 -0.70 22.76
N GLY B 215 -5.71 -0.62 22.69
CA GLY B 215 -6.46 -1.48 21.78
C GLY B 215 -6.19 -1.18 20.32
N THR B 216 -6.09 0.11 20.00
CA THR B 216 -5.85 0.56 18.63
C THR B 216 -4.38 0.61 18.18
N TYR B 217 -3.51 1.11 19.07
CA TYR B 217 -2.11 1.26 18.73
C TYR B 217 -1.15 0.39 19.51
N GLY B 218 -1.67 -0.65 20.19
CA GLY B 218 -0.81 -1.54 20.95
C GLY B 218 -0.42 -1.05 22.33
N HIS B 219 0.01 -1.98 23.18
CA HIS B 219 0.42 -1.67 24.56
C HIS B 219 1.77 -0.95 24.60
N PRO B 220 1.84 0.18 25.33
CA PRO B 220 3.11 0.92 25.44
C PRO B 220 4.22 -0.05 25.79
N GLU B 221 5.45 0.31 25.46
CA GLU B 221 6.62 -0.54 25.72
C GLU B 221 7.86 0.33 25.93
N ILE B 222 8.88 -0.23 26.58
CA ILE B 222 10.11 0.50 26.83
C ILE B 222 10.62 1.09 25.52
N THR B 223 10.75 2.42 25.49
CA THR B 223 11.18 3.11 24.29
C THR B 223 12.14 4.25 24.57
N LYS B 224 13.22 4.31 23.80
CA LYS B 224 14.21 5.38 23.92
C LYS B 224 13.86 6.39 22.84
N VAL B 225 13.42 7.58 23.25
CA VAL B 225 13.04 8.63 22.31
C VAL B 225 14.19 9.59 22.10
N ASN B 226 14.57 9.79 20.84
CA ASN B 226 15.65 10.70 20.50
C ASN B 226 15.12 12.12 20.63
N ILE B 227 15.91 13.01 21.25
CA ILE B 227 15.49 14.39 21.41
C ILE B 227 16.30 15.27 20.49
N GLY B 228 17.07 14.65 19.62
CA GLY B 228 17.86 15.42 18.68
C GLY B 228 16.92 15.64 17.52
N VAL B 229 17.44 16.07 16.38
CA VAL B 229 16.62 16.31 15.21
C VAL B 229 17.35 15.82 13.99
N GLY B 230 16.65 15.75 12.86
CA GLY B 230 17.26 15.28 11.62
C GLY B 230 17.52 16.47 10.71
N SER B 231 17.52 16.23 9.40
CA SER B 231 17.77 17.31 8.45
C SER B 231 16.64 17.62 7.47
N ASN B 232 15.49 16.95 7.62
CA ASN B 232 14.35 17.20 6.73
C ASN B 232 13.32 18.15 7.32
N PRO B 233 12.56 18.87 6.46
CA PRO B 233 11.56 19.78 7.00
C PRO B 233 10.58 18.88 7.74
N GLY B 234 9.94 19.38 8.79
CA GLY B 234 9.01 18.54 9.51
C GLY B 234 7.82 19.25 10.12
N ILE B 235 6.91 18.46 10.68
CA ILE B 235 5.71 18.98 11.33
C ILE B 235 5.78 18.58 12.80
N LEU B 236 5.49 19.51 13.69
CA LEU B 236 5.53 19.21 15.12
C LEU B 236 4.11 19.03 15.63
N ILE B 237 3.77 17.81 16.03
CA ILE B 237 2.44 17.53 16.54
C ILE B 237 2.42 17.60 18.06
N SER B 238 1.58 18.47 18.60
CA SER B 238 1.47 18.67 20.04
C SER B 238 0.07 18.29 20.51
N GLY B 239 -0.10 18.17 21.82
CA GLY B 239 -1.40 17.81 22.36
C GLY B 239 -1.42 16.37 22.87
N HIS B 240 -2.60 15.74 22.83
CA HIS B 240 -2.77 14.38 23.32
C HIS B 240 -3.38 13.37 22.34
N ASP B 241 -4.07 13.85 21.31
CA ASP B 241 -4.74 12.94 20.39
C ASP B 241 -3.88 12.08 19.47
N LEU B 242 -3.88 10.79 19.76
CA LEU B 242 -3.10 9.81 18.99
C LEU B 242 -3.73 9.51 17.64
N ARG B 243 -5.04 9.70 17.54
CA ARG B 243 -5.73 9.45 16.28
C ARG B 243 -5.23 10.43 15.20
N ASP B 244 -4.98 11.68 15.57
CA ASP B 244 -4.49 12.65 14.60
C ASP B 244 -3.10 12.25 14.12
N LEU B 245 -2.26 11.76 15.04
CA LEU B 245 -0.90 11.35 14.69
C LEU B 245 -0.92 10.22 13.67
N GLU B 246 -1.88 9.30 13.82
CA GLU B 246 -2.01 8.17 12.92
C GLU B 246 -2.24 8.60 11.48
N MET B 247 -3.19 9.52 11.28
CA MET B 247 -3.53 9.98 9.94
C MET B 247 -2.42 10.84 9.32
N LEU B 248 -1.79 11.67 10.14
CA LEU B 248 -0.72 12.55 9.69
C LEU B 248 0.49 11.73 9.22
N LEU B 249 0.77 10.64 9.93
CA LEU B 249 1.90 9.78 9.58
C LEU B 249 1.69 9.02 8.29
N LYS B 250 0.46 8.56 8.06
CA LYS B 250 0.15 7.83 6.85
C LYS B 250 0.17 8.76 5.63
N GLN B 251 -0.15 10.04 5.85
CA GLN B 251 -0.18 11.02 4.77
C GLN B 251 1.17 11.62 4.44
N THR B 252 2.05 11.71 5.43
CA THR B 252 3.37 12.27 5.22
C THR B 252 4.29 11.21 4.63
N GLU B 253 3.80 9.96 4.63
CA GLU B 253 4.54 8.82 4.09
C GLU B 253 4.97 9.11 2.65
N GLY B 254 6.28 9.09 2.42
CA GLY B 254 6.82 9.35 1.10
C GLY B 254 6.70 10.77 0.58
N THR B 255 6.71 11.78 1.45
CA THR B 255 6.60 13.17 1.01
C THR B 255 7.85 13.99 1.30
N GLY B 256 8.75 13.46 2.13
CA GLY B 256 9.95 14.20 2.46
C GLY B 256 9.79 15.00 3.76
N VAL B 257 8.59 14.97 4.33
CA VAL B 257 8.30 15.68 5.57
C VAL B 257 8.36 14.75 6.80
N ASP B 258 9.26 15.02 7.73
CA ASP B 258 9.37 14.21 8.94
C ASP B 258 8.29 14.65 9.94
N VAL B 259 8.06 13.85 10.96
CA VAL B 259 7.07 14.19 11.97
C VAL B 259 7.66 14.10 13.37
N TYR B 260 7.43 15.13 14.18
CA TYR B 260 7.94 15.15 15.55
C TYR B 260 6.79 15.30 16.53
N THR B 261 7.05 15.00 17.80
CA THR B 261 6.05 15.12 18.86
C THR B 261 6.48 16.22 19.82
N HIS B 262 5.51 16.83 20.50
CA HIS B 262 5.82 17.90 21.45
C HIS B 262 4.96 17.80 22.71
N SER B 263 5.59 17.99 23.85
CA SER B 263 4.92 17.94 25.15
C SER B 263 4.22 16.62 25.45
N GLU B 264 2.89 16.63 25.47
CA GLU B 264 2.13 15.42 25.76
C GLU B 264 1.93 14.46 24.60
N MET B 265 2.62 14.67 23.49
CA MET B 265 2.50 13.75 22.36
C MET B 265 3.70 12.83 22.34
N LEU B 266 4.57 12.99 23.34
CA LEU B 266 5.79 12.19 23.49
C LEU B 266 5.51 10.70 23.69
N PRO B 267 4.52 10.35 24.52
CA PRO B 267 4.21 8.95 24.76
C PRO B 267 3.84 8.19 23.48
N ALA B 268 3.53 8.91 22.41
CA ALA B 268 3.16 8.29 21.15
C ALA B 268 4.27 7.38 20.68
N HIS B 269 5.50 7.71 21.08
CA HIS B 269 6.70 6.94 20.72
C HIS B 269 6.74 5.58 21.41
N TYR B 270 5.94 5.43 22.46
CA TYR B 270 5.90 4.18 23.22
C TYR B 270 4.97 3.11 22.62
N TYR B 271 4.14 3.51 21.66
CA TYR B 271 3.22 2.57 21.05
C TYR B 271 3.85 1.86 19.86
N PRO B 272 3.63 0.54 19.73
CA PRO B 272 4.17 -0.27 18.64
C PRO B 272 3.59 0.12 17.28
N ALA B 273 2.38 0.66 17.28
CA ALA B 273 1.76 1.05 16.01
C ALA B 273 2.55 2.14 15.28
N PHE B 274 3.05 3.12 16.04
CA PHE B 274 3.79 4.24 15.46
C PHE B 274 5.28 4.02 15.23
N LYS B 275 5.83 2.92 15.76
CA LYS B 275 7.26 2.65 15.62
C LYS B 275 7.67 2.10 14.27
N LYS B 276 6.70 1.76 13.44
CA LYS B 276 6.99 1.22 12.11
C LYS B 276 7.20 2.32 11.08
N TYR B 277 6.93 3.56 11.46
CA TYR B 277 7.09 4.68 10.55
C TYR B 277 8.52 5.23 10.62
N ALA B 278 9.22 5.15 9.48
CA ALA B 278 10.60 5.61 9.40
C ALA B 278 10.74 7.11 9.61
N HIS B 279 9.83 7.88 8.99
CA HIS B 279 9.87 9.33 9.09
C HIS B 279 9.34 9.84 10.42
N PHE B 280 9.07 8.94 11.35
CA PHE B 280 8.60 9.36 12.66
C PHE B 280 9.86 9.58 13.48
N LYS B 281 10.17 10.85 13.71
CA LYS B 281 11.38 11.27 14.43
C LYS B 281 11.22 11.32 15.94
N GLY B 282 12.06 12.10 16.60
CA GLY B 282 11.98 12.18 18.06
C GLY B 282 11.03 13.21 18.64
N ASN B 283 11.24 13.52 19.92
CA ASN B 283 10.43 14.49 20.64
C ASN B 283 11.23 15.80 20.69
N TYR B 284 10.56 16.89 20.34
CA TYR B 284 11.20 18.19 20.31
C TYR B 284 10.73 19.03 21.50
N GLY B 285 11.66 19.71 22.14
CA GLY B 285 11.33 20.56 23.27
C GLY B 285 10.93 19.90 24.58
N ASN B 286 10.32 20.70 25.45
CA ASN B 286 9.88 20.24 26.75
C ASN B 286 8.38 20.48 26.96
N ALA B 287 7.97 20.78 28.18
CA ALA B 287 6.56 21.02 28.47
C ALA B 287 5.95 22.10 27.59
N TRP B 288 4.63 22.20 27.63
CA TRP B 288 3.85 23.14 26.84
C TRP B 288 4.12 24.62 27.04
N TRP B 289 4.52 25.03 28.24
CA TRP B 289 4.73 26.45 28.53
C TRP B 289 5.93 27.12 27.89
N LYS B 290 6.72 26.36 27.13
CA LYS B 290 7.89 26.94 26.48
C LYS B 290 7.69 27.08 24.98
N GLN B 291 6.52 26.69 24.49
CA GLN B 291 6.25 26.74 23.07
C GLN B 291 6.53 28.05 22.36
N LYS B 292 6.30 29.20 22.99
CA LYS B 292 6.57 30.46 22.30
C LYS B 292 8.00 30.47 21.75
N GLU B 293 8.91 29.76 22.40
CA GLU B 293 10.31 29.68 21.96
C GLU B 293 10.53 28.44 21.12
N GLU B 294 10.13 27.29 21.66
CA GLU B 294 10.31 26.02 20.99
C GLU B 294 9.53 25.84 19.70
N PHE B 295 8.31 26.38 19.64
CA PHE B 295 7.52 26.27 18.42
C PHE B 295 8.22 27.12 17.36
N GLU B 296 8.77 28.25 17.78
CA GLU B 296 9.44 29.10 16.83
C GLU B 296 10.70 28.49 16.25
N SER B 297 11.61 28.02 17.11
CA SER B 297 12.87 27.41 16.65
C SER B 297 12.69 26.12 15.86
N PHE B 298 11.48 25.55 15.91
CA PHE B 298 11.22 24.32 15.16
C PHE B 298 11.20 24.60 13.66
N ASN B 299 10.95 25.85 13.31
CA ASN B 299 10.90 26.30 11.91
C ASN B 299 9.75 25.75 11.05
N GLY B 300 9.31 24.52 11.32
CA GLY B 300 8.24 23.95 10.54
C GLY B 300 6.84 24.13 11.10
N PRO B 301 5.80 23.69 10.37
CA PRO B 301 4.43 23.85 10.87
C PRO B 301 4.24 23.10 12.19
N VAL B 302 3.38 23.64 13.06
CA VAL B 302 3.07 23.04 14.35
C VAL B 302 1.58 22.69 14.43
N LEU B 303 1.26 21.41 14.63
CA LEU B 303 -0.13 20.99 14.72
C LEU B 303 -0.60 20.78 16.15
N LEU B 304 -1.62 21.52 16.56
CA LEU B 304 -2.18 21.41 17.91
C LEU B 304 -3.40 20.51 17.90
N THR B 305 -3.33 19.36 18.55
CA THR B 305 -4.46 18.42 18.57
C THR B 305 -5.39 18.64 19.75
N THR B 306 -4.86 19.29 20.80
CA THR B 306 -5.63 19.59 22.01
C THR B 306 -4.81 20.66 22.72
N ASN B 307 -5.21 21.01 23.94
CA ASN B 307 -4.45 22.00 24.69
C ASN B 307 -3.17 21.30 25.10
N CYS B 308 -2.09 22.04 25.28
CA CYS B 308 -2.14 23.44 25.67
C CYS B 308 -1.57 24.31 24.57
N LEU B 309 -2.35 25.30 24.14
CA LEU B 309 -1.90 26.24 23.14
C LEU B 309 -1.81 27.59 23.83
N VAL B 310 -0.70 28.28 23.65
CA VAL B 310 -0.55 29.60 24.24
C VAL B 310 -0.64 30.60 23.08
N PRO B 311 -1.17 31.81 23.34
CA PRO B 311 -1.29 32.81 22.27
C PRO B 311 0.05 32.88 21.55
N PRO B 312 0.07 32.51 20.25
CA PRO B 312 1.29 32.53 19.45
C PRO B 312 1.94 33.89 19.21
N LYS B 313 3.16 33.88 18.67
CA LYS B 313 3.90 35.09 18.37
C LYS B 313 3.79 35.31 16.87
N ASP B 314 3.69 36.58 16.44
CA ASP B 314 3.56 36.89 15.01
C ASP B 314 4.60 36.11 14.20
N SER B 315 5.72 35.80 14.84
CA SER B 315 6.79 35.05 14.21
C SER B 315 6.37 33.69 13.69
N TYR B 316 5.75 32.86 14.51
CA TYR B 316 5.36 31.54 14.07
C TYR B 316 3.85 31.32 13.93
N LYS B 317 3.06 32.36 14.20
CA LYS B 317 1.60 32.28 14.11
C LYS B 317 1.22 31.71 12.74
N ASP B 318 1.87 32.24 11.72
CA ASP B 318 1.69 31.83 10.34
C ASP B 318 1.68 30.30 10.13
N ARG B 319 2.42 29.56 10.95
CA ARG B 319 2.44 28.10 10.79
C ARG B 319 1.84 27.27 11.94
N VAL B 320 0.96 27.86 12.71
CA VAL B 320 0.28 27.13 13.78
C VAL B 320 -1.04 26.62 13.18
N TYR B 321 -1.32 25.33 13.34
CA TYR B 321 -2.56 24.75 12.82
C TYR B 321 -3.31 24.12 13.98
N THR B 322 -4.59 24.44 14.12
CA THR B 322 -5.39 23.87 15.19
C THR B 322 -6.35 22.86 14.60
N THR B 323 -6.88 21.97 15.43
CA THR B 323 -7.83 20.97 14.98
C THR B 323 -8.65 20.50 16.18
N GLY B 324 -9.68 19.70 15.94
CA GLY B 324 -10.50 19.23 17.03
C GLY B 324 -11.24 20.42 17.61
N ILE B 325 -11.04 20.71 18.89
CA ILE B 325 -11.71 21.85 19.51
C ILE B 325 -10.74 22.96 19.89
N VAL B 326 -9.52 22.90 19.38
CA VAL B 326 -8.51 23.92 19.65
C VAL B 326 -8.79 25.09 18.71
N GLY B 327 -8.53 26.32 19.16
CA GLY B 327 -8.77 27.46 18.30
C GLY B 327 -8.18 28.80 18.71
N PHE B 328 -7.74 29.56 17.70
CA PHE B 328 -7.18 30.89 17.91
C PHE B 328 -7.42 31.73 16.66
N THR B 329 -8.03 32.90 16.83
CA THR B 329 -8.32 33.79 15.72
C THR B 329 -7.09 34.05 14.86
N GLY B 330 -7.17 33.71 13.58
CA GLY B 330 -6.05 33.93 12.69
C GLY B 330 -5.21 32.70 12.39
N CYS B 331 -5.44 31.63 13.13
CA CYS B 331 -4.69 30.40 12.93
C CYS B 331 -5.50 29.35 12.16
N LYS B 332 -4.96 28.88 11.05
CA LYS B 332 -5.66 27.89 10.25
C LYS B 332 -6.15 26.74 11.12
N HIS B 333 -7.36 26.27 10.85
CA HIS B 333 -7.96 25.18 11.60
C HIS B 333 -8.24 24.03 10.61
N ILE B 334 -7.80 22.83 10.97
CA ILE B 334 -8.01 21.66 10.14
C ILE B 334 -9.26 21.00 10.71
N PRO B 335 -10.38 21.13 9.98
CA PRO B 335 -11.71 20.60 10.33
C PRO B 335 -11.85 19.11 10.60
N GLY B 336 -12.65 18.80 11.62
CA GLY B 336 -12.92 17.43 12.07
C GLY B 336 -12.74 17.36 13.58
N GLU B 337 -13.39 16.41 14.25
CA GLU B 337 -13.22 16.27 15.71
C GLU B 337 -13.67 14.92 16.30
N ILE B 338 -13.84 13.91 15.42
CA ILE B 338 -14.22 12.58 15.89
C ILE B 338 -13.25 11.53 15.32
N GLY B 339 -12.03 11.95 14.97
CA GLY B 339 -11.05 11.04 14.42
C GLY B 339 -11.37 10.58 13.01
N GLU B 340 -12.34 11.27 12.39
CA GLU B 340 -12.76 10.95 11.02
C GLU B 340 -11.59 11.30 10.13
N HIS B 341 -11.72 11.12 8.82
CA HIS B 341 -10.59 11.44 7.96
C HIS B 341 -10.38 12.92 7.80
N LYS B 342 -9.26 13.42 8.34
CA LYS B 342 -8.92 14.82 8.22
C LYS B 342 -7.94 14.92 7.06
N ASP B 343 -7.89 16.06 6.40
CA ASP B 343 -6.96 16.22 5.28
C ASP B 343 -5.80 17.14 5.62
N PHE B 344 -4.60 16.58 5.74
CA PHE B 344 -3.41 17.35 6.09
C PHE B 344 -2.57 17.71 4.87
N SER B 345 -3.17 17.71 3.68
CA SER B 345 -2.39 18.02 2.48
C SER B 345 -1.85 19.46 2.45
N ALA B 346 -2.57 20.37 3.10
CA ALA B 346 -2.15 21.76 3.13
C ALA B 346 -0.96 21.96 4.06
N ILE B 347 -1.07 21.48 5.30
CA ILE B 347 0.02 21.63 6.27
C ILE B 347 1.29 20.96 5.76
N ILE B 348 1.15 19.81 5.12
CA ILE B 348 2.29 19.09 4.57
C ILE B 348 2.96 19.92 3.46
N ALA B 349 2.14 20.52 2.60
CA ALA B 349 2.65 21.35 1.52
C ALA B 349 3.37 22.56 2.10
N HIS B 350 2.90 23.00 3.26
CA HIS B 350 3.46 24.15 3.94
C HIS B 350 4.82 23.81 4.55
N ALA B 351 4.99 22.55 4.96
CA ALA B 351 6.24 22.13 5.58
C ALA B 351 7.36 21.97 4.55
N LYS B 352 7.01 21.56 3.34
CA LYS B 352 8.00 21.37 2.29
C LYS B 352 8.71 22.67 1.93
N THR B 353 8.18 23.80 2.38
CA THR B 353 8.78 25.10 2.10
C THR B 353 9.50 25.69 3.32
N CYS B 354 9.56 24.90 4.40
CA CYS B 354 10.22 25.34 5.62
C CYS B 354 11.57 24.68 5.86
N PRO B 355 12.42 25.28 6.71
CA PRO B 355 13.74 24.75 7.03
C PRO B 355 13.61 23.57 8.00
N ALA B 356 14.65 22.75 8.07
CA ALA B 356 14.67 21.63 8.98
C ALA B 356 14.66 22.21 10.40
N PRO B 357 14.36 21.39 11.42
CA PRO B 357 14.33 21.89 12.80
C PRO B 357 15.70 22.34 13.30
N THR B 358 15.70 23.39 14.12
CA THR B 358 16.92 23.91 14.72
C THR B 358 17.12 23.07 15.96
N GLU B 359 18.21 22.32 16.03
CA GLU B 359 18.46 21.46 17.18
C GLU B 359 18.72 22.27 18.44
N ILE B 360 17.97 21.98 19.51
CA ILE B 360 18.14 22.68 20.78
C ILE B 360 18.59 21.72 21.88
N GLU B 361 18.57 20.43 21.57
CA GLU B 361 18.98 19.40 22.53
C GLU B 361 19.50 18.18 21.77
N SER B 362 20.15 17.28 22.49
CA SER B 362 20.64 16.05 21.88
C SER B 362 20.58 14.99 22.98
N GLY B 363 20.41 13.73 22.59
CA GLY B 363 20.33 12.66 23.57
C GLY B 363 19.11 11.79 23.42
N GLU B 364 18.53 11.39 24.54
CA GLU B 364 17.36 10.52 24.49
C GLU B 364 16.62 10.39 25.82
N ILE B 365 15.31 10.16 25.73
CA ILE B 365 14.44 9.97 26.88
C ILE B 365 13.96 8.52 26.82
N ILE B 366 13.91 7.86 27.96
CA ILE B 366 13.44 6.48 27.99
C ILE B 366 12.09 6.46 28.71
N GLY B 367 11.16 5.66 28.18
CA GLY B 367 9.84 5.58 28.78
C GLY B 367 9.02 4.46 28.19
N GLY B 368 7.71 4.47 28.46
CA GLY B 368 6.84 3.43 27.94
C GLY B 368 6.50 2.38 28.98
N PHE B 369 6.58 2.76 30.25
CA PHE B 369 6.27 1.85 31.35
C PHE B 369 4.82 1.95 31.78
N ALA B 370 3.90 1.67 30.86
CA ALA B 370 2.48 1.71 31.18
C ALA B 370 2.18 0.39 31.88
N HIS B 371 0.97 0.24 32.44
CA HIS B 371 0.58 -0.97 33.19
C HIS B 371 0.91 -2.33 32.57
N ASN B 372 0.85 -2.46 31.26
CA ASN B 372 1.17 -3.74 30.66
C ASN B 372 2.67 -3.99 30.70
N GLN B 373 3.45 -2.97 30.33
CA GLN B 373 4.91 -3.12 30.32
C GLN B 373 5.45 -3.42 31.73
N VAL B 374 4.91 -2.73 32.73
CA VAL B 374 5.37 -2.94 34.10
C VAL B 374 5.06 -4.35 34.60
N LEU B 375 3.91 -4.87 34.23
CA LEU B 375 3.54 -6.22 34.63
C LEU B 375 4.53 -7.22 34.04
N ALA B 376 4.91 -6.99 32.78
CA ALA B 376 5.84 -7.85 32.08
C ALA B 376 7.21 -7.80 32.75
N LEU B 377 7.32 -7.01 33.81
CA LEU B 377 8.57 -6.87 34.55
C LEU B 377 8.31 -7.05 36.04
N ALA B 378 7.15 -7.60 36.39
CA ALA B 378 6.76 -7.83 37.77
C ALA B 378 7.85 -8.50 38.60
N ASP B 379 8.40 -9.60 38.08
CA ASP B 379 9.44 -10.31 38.81
C ASP B 379 10.68 -9.45 39.08
N LYS B 380 11.04 -8.58 38.15
CA LYS B 380 12.20 -7.73 38.34
C LYS B 380 11.88 -6.63 39.36
N VAL B 381 10.68 -6.05 39.25
CA VAL B 381 10.24 -4.98 40.15
C VAL B 381 10.00 -5.48 41.57
N ILE B 382 9.43 -6.68 41.69
CA ILE B 382 9.14 -7.27 42.99
C ILE B 382 10.42 -7.65 43.73
N ASP B 383 11.35 -8.30 43.04
CA ASP B 383 12.60 -8.67 43.70
C ASP B 383 13.33 -7.44 44.23
N ALA B 384 13.32 -6.37 43.45
CA ALA B 384 14.01 -5.16 43.86
C ALA B 384 13.42 -4.67 45.18
N VAL B 385 12.09 -4.65 45.25
CA VAL B 385 11.39 -4.20 46.45
C VAL B 385 11.67 -5.10 47.65
N LYS B 386 11.49 -6.41 47.47
CA LYS B 386 11.75 -7.35 48.56
C LYS B 386 13.20 -7.30 49.04
N SER B 387 14.14 -7.17 48.11
CA SER B 387 15.56 -7.13 48.47
C SER B 387 15.91 -5.80 49.14
N GLY B 388 15.18 -4.75 48.78
CA GLY B 388 15.43 -3.45 49.34
C GLY B 388 16.15 -2.52 48.37
N ALA B 389 16.46 -3.01 47.17
CA ALA B 389 17.15 -2.18 46.17
C ALA B 389 16.27 -1.00 45.81
N ILE B 390 15.00 -1.13 46.14
CA ILE B 390 14.02 -0.09 45.90
C ILE B 390 13.23 -0.03 47.19
N LYS B 391 13.37 1.08 47.90
CA LYS B 391 12.68 1.28 49.17
C LYS B 391 11.38 2.04 49.05
N LYS B 392 11.28 2.93 48.07
CA LYS B 392 10.07 3.74 47.92
C LYS B 392 9.78 4.17 46.49
N PHE B 393 8.49 4.22 46.14
CA PHE B 393 8.06 4.67 44.83
C PHE B 393 7.46 6.05 45.03
N VAL B 394 7.87 7.00 44.19
CA VAL B 394 7.34 8.35 44.31
C VAL B 394 6.57 8.69 43.02
N VAL B 395 5.27 8.89 43.15
CA VAL B 395 4.44 9.24 42.01
C VAL B 395 4.48 10.75 41.84
N MET B 396 5.18 11.22 40.80
CA MET B 396 5.28 12.65 40.57
C MET B 396 4.58 13.01 39.26
N ALA B 397 3.47 12.33 39.01
CA ALA B 397 2.68 12.54 37.79
C ALA B 397 1.95 13.88 37.84
N GLY B 398 1.30 14.22 36.73
CA GLY B 398 0.55 15.46 36.67
C GLY B 398 0.88 16.39 35.52
N CSS B 399 0.51 17.65 35.68
CA CSS B 399 0.72 18.69 34.72
CB CSS B 399 -0.63 19.27 34.48
SG CSS B 399 -1.81 17.97 34.01
SD CSS B 399 -3.48 18.96 33.26
C CSS B 399 1.71 19.81 35.14
O CSS B 399 1.65 20.40 36.22
N ASP B 400 2.62 20.09 34.22
CA ASP B 400 3.65 21.12 34.41
C ASP B 400 3.05 22.52 34.16
N GLY B 401 3.79 23.56 34.55
CA GLY B 401 3.31 24.93 34.36
C GLY B 401 4.42 25.98 34.33
N ARG B 402 4.04 27.26 34.21
CA ARG B 402 5.01 28.35 34.16
C ARG B 402 5.68 28.75 35.49
N ALA B 403 4.89 28.75 36.56
CA ALA B 403 5.37 29.14 37.88
C ALA B 403 6.78 28.68 38.22
N LYS B 404 7.66 29.64 38.50
CA LYS B 404 9.03 29.33 38.85
C LYS B 404 9.16 28.52 40.16
N SER B 405 8.05 28.42 40.90
CA SER B 405 8.06 27.67 42.15
C SER B 405 8.19 26.17 41.86
N ARG B 406 7.82 25.78 40.64
CA ARG B 406 7.89 24.38 40.21
C ARG B 406 9.31 23.81 40.13
N SER B 407 10.32 24.66 40.30
CA SER B 407 11.69 24.17 40.27
C SER B 407 11.79 23.19 41.44
N TYR B 408 10.79 23.28 42.31
CA TYR B 408 10.69 22.43 43.49
C TYR B 408 10.70 20.95 43.12
N TYR B 409 10.01 20.62 42.03
CA TYR B 409 9.94 19.23 41.59
C TYR B 409 11.24 18.73 41.01
N THR B 410 12.07 19.63 40.49
CA THR B 410 13.36 19.22 39.96
C THR B 410 14.23 18.93 41.18
N ASP B 411 14.23 19.85 42.13
CA ASP B 411 15.01 19.70 43.36
C ASP B 411 14.56 18.49 44.20
N PHE B 412 13.25 18.28 44.29
CA PHE B 412 12.74 17.14 45.07
C PHE B 412 13.26 15.85 44.46
N ALA B 413 13.25 15.77 43.13
CA ALA B 413 13.72 14.59 42.42
C ALA B 413 15.21 14.34 42.66
N GLU B 414 16.03 15.39 42.51
CA GLU B 414 17.47 15.25 42.71
C GLU B 414 17.84 14.94 44.15
N GLY B 415 17.06 15.44 45.10
CA GLY B 415 17.36 15.18 46.51
C GLY B 415 16.87 13.85 47.02
N LEU B 416 16.21 13.06 46.18
CA LEU B 416 15.68 11.75 46.56
C LEU B 416 16.75 10.68 46.81
N PRO B 417 16.51 9.80 47.80
CA PRO B 417 17.47 8.74 48.11
C PRO B 417 17.71 7.90 46.86
N LYS B 418 18.89 7.31 46.74
CA LYS B 418 19.25 6.52 45.56
C LYS B 418 18.53 5.17 45.51
N ASP B 419 17.75 4.86 46.53
CA ASP B 419 17.01 3.61 46.55
C ASP B 419 15.52 3.84 46.41
N THR B 420 15.15 4.90 45.69
CA THR B 420 13.76 5.26 45.44
C THR B 420 13.56 5.47 43.95
N VAL B 421 12.34 5.23 43.48
CA VAL B 421 12.01 5.36 42.07
C VAL B 421 10.84 6.30 41.83
N ILE B 422 10.87 7.04 40.73
CA ILE B 422 9.82 7.99 40.40
C ILE B 422 8.88 7.44 39.32
N LEU B 423 7.59 7.50 39.60
CA LEU B 423 6.59 7.05 38.63
C LEU B 423 6.02 8.34 38.09
N THR B 424 5.98 8.47 36.77
CA THR B 424 5.48 9.69 36.17
C THR B 424 4.54 9.47 35.00
N ALA B 425 3.74 10.51 34.74
CA ALA B 425 2.76 10.53 33.67
C ALA B 425 2.33 11.98 33.55
N GLY B 426 2.18 12.48 32.33
CA GLY B 426 1.78 13.88 32.16
C GLY B 426 2.96 14.79 31.93
N CYS B 427 2.73 16.00 31.44
CA CYS B 427 3.84 16.91 31.16
C CYS B 427 4.59 17.42 32.38
N ALA B 428 4.14 17.03 33.58
CA ALA B 428 4.83 17.45 34.79
C ALA B 428 6.17 16.71 34.81
N LYS B 429 6.26 15.68 33.98
CA LYS B 429 7.47 14.87 33.88
C LYS B 429 8.69 15.66 33.41
N TYR B 430 8.46 16.75 32.68
CA TYR B 430 9.58 17.53 32.15
C TYR B 430 10.46 18.26 33.17
N ARG B 431 10.07 18.22 34.44
CA ARG B 431 10.85 18.89 35.48
C ARG B 431 11.98 17.99 35.97
N TYR B 432 11.93 16.71 35.60
CA TYR B 432 12.93 15.77 36.07
C TYR B 432 13.22 14.58 35.15
N ASN B 433 12.76 14.63 33.91
CA ASN B 433 12.99 13.52 33.00
C ASN B 433 14.13 13.81 32.02
N LYS B 434 14.79 14.95 32.20
CA LYS B 434 15.90 15.31 31.32
C LYS B 434 17.20 15.20 32.11
N LEU B 435 17.11 14.75 33.36
CA LEU B 435 18.28 14.62 34.23
C LEU B 435 19.02 13.30 34.05
N ASN B 436 19.81 12.95 35.05
CA ASN B 436 20.59 11.71 35.05
C ASN B 436 20.51 11.09 36.45
N LEU B 437 19.37 10.47 36.77
CA LEU B 437 19.19 9.86 38.08
C LEU B 437 19.58 8.40 38.04
N GLY B 438 20.04 7.95 36.87
CA GLY B 438 20.46 6.57 36.72
C GLY B 438 19.34 5.57 36.87
N ASP B 439 19.72 4.33 37.22
CA ASP B 439 18.76 3.24 37.40
C ASP B 439 19.18 2.33 38.56
N ILE B 440 18.26 1.48 39.00
CA ILE B 440 18.53 0.56 40.09
C ILE B 440 18.49 -0.87 39.59
N GLY B 441 19.66 -1.42 39.30
CA GLY B 441 19.73 -2.77 38.79
C GLY B 441 19.05 -2.92 37.45
N GLY B 442 19.10 -1.87 36.62
CA GLY B 442 18.48 -1.95 35.31
C GLY B 442 17.11 -1.27 35.21
N ILE B 443 16.49 -1.03 36.36
CA ILE B 443 15.19 -0.38 36.38
C ILE B 443 15.41 1.12 36.47
N PRO B 444 15.08 1.87 35.42
CA PRO B 444 15.28 3.32 35.44
C PRO B 444 14.67 3.98 36.69
N ARG B 445 15.38 4.94 37.27
CA ARG B 445 14.87 5.62 38.45
C ARG B 445 13.71 6.56 38.15
N VAL B 446 13.32 6.61 36.87
CA VAL B 446 12.20 7.44 36.44
C VAL B 446 11.40 6.60 35.44
N LEU B 447 10.25 6.12 35.88
CA LEU B 447 9.39 5.28 35.05
C LEU B 447 8.24 6.12 34.48
N ASP B 448 8.32 6.44 33.20
CA ASP B 448 7.29 7.25 32.53
C ASP B 448 6.19 6.40 31.92
N ALA B 449 5.01 6.50 32.50
CA ALA B 449 3.86 5.75 32.03
C ALA B 449 3.23 6.35 30.77
N GLY B 450 3.45 7.64 30.53
CA GLY B 450 2.88 8.27 29.35
C GLY B 450 2.22 9.61 29.58
N GLN B 451 1.10 9.85 28.88
CA GLN B 451 0.36 11.10 29.03
C GLN B 451 -0.35 11.11 30.39
N CYS B 452 -0.88 12.27 30.79
CA CYS B 452 -1.57 12.40 32.07
C CYS B 452 -2.72 11.39 32.22
N ASN B 453 -3.31 10.98 31.10
CA ASN B 453 -4.39 10.01 31.16
C ASN B 453 -3.81 8.65 31.52
N ASP B 454 -2.51 8.50 31.38
CA ASP B 454 -1.88 7.23 31.73
C ASP B 454 -1.54 7.17 33.22
N SER B 455 -2.13 8.06 34.02
CA SER B 455 -1.93 8.02 35.47
C SER B 455 -2.75 6.80 35.90
N TYR B 456 -3.59 6.34 34.97
CA TYR B 456 -4.43 5.17 35.20
C TYR B 456 -3.50 3.99 35.29
N SER B 457 -2.48 3.96 34.43
CA SER B 457 -1.51 2.87 34.44
C SER B 457 -0.79 2.85 35.78
N LEU B 458 -0.56 4.02 36.38
CA LEU B 458 0.13 4.07 37.66
C LEU B 458 -0.78 3.59 38.79
N ALA B 459 -2.08 3.77 38.62
CA ALA B 459 -3.03 3.33 39.65
C ALA B 459 -3.21 1.82 39.56
N VAL B 460 -3.11 1.30 38.33
CA VAL B 460 -3.24 -0.13 38.09
C VAL B 460 -2.06 -0.87 38.70
N ILE B 461 -0.87 -0.30 38.56
CA ILE B 461 0.35 -0.90 39.09
C ILE B 461 0.31 -0.88 40.62
N ALA B 462 -0.17 0.22 41.18
CA ALA B 462 -0.28 0.35 42.62
C ALA B 462 -1.18 -0.79 43.09
N LEU B 463 -2.41 -0.80 42.59
CA LEU B 463 -3.40 -1.83 42.94
C LEU B 463 -2.88 -3.25 42.73
N LYS B 464 -2.11 -3.49 41.69
CA LYS B 464 -1.57 -4.82 41.46
C LYS B 464 -0.55 -5.10 42.56
N LEU B 465 0.41 -4.19 42.72
CA LEU B 465 1.42 -4.36 43.76
C LEU B 465 0.73 -4.57 45.10
N LYS B 466 -0.47 -4.03 45.23
CA LYS B 466 -1.21 -4.20 46.47
C LYS B 466 -1.56 -5.66 46.60
N GLU B 467 -2.10 -6.23 45.54
CA GLU B 467 -2.48 -7.63 45.52
C GLU B 467 -1.26 -8.51 45.78
N VAL B 468 -0.18 -8.24 45.05
CA VAL B 468 1.04 -9.01 45.18
C VAL B 468 1.44 -9.25 46.63
N PHE B 469 1.61 -8.17 47.40
CA PHE B 469 2.03 -8.28 48.78
C PHE B 469 0.91 -8.60 49.76
N GLY B 470 -0.24 -9.01 49.22
CA GLY B 470 -1.37 -9.35 50.08
C GLY B 470 -1.75 -8.29 51.10
N LEU B 471 -1.81 -7.04 50.67
CA LEU B 471 -2.16 -5.93 51.57
C LEU B 471 -3.66 -5.64 51.54
N GLU B 472 -4.21 -5.19 52.67
CA GLU B 472 -5.62 -4.88 52.71
C GLU B 472 -5.89 -3.47 52.17
N ASP B 473 -5.12 -2.48 52.62
CA ASP B 473 -5.29 -1.10 52.16
C ASP B 473 -4.19 -0.76 51.14
N VAL B 474 -4.57 -0.13 50.03
CA VAL B 474 -3.61 0.28 49.01
C VAL B 474 -2.56 1.23 49.58
N ASN B 475 -2.95 1.98 50.61
CA ASN B 475 -2.07 2.94 51.26
C ASN B 475 -0.91 2.31 52.05
N ASP B 476 -0.93 0.99 52.24
CA ASP B 476 0.14 0.33 52.97
C ASP B 476 1.36 0.08 52.08
N LEU B 477 1.21 0.33 50.79
CA LEU B 477 2.31 0.16 49.85
C LEU B 477 3.36 1.23 50.13
N PRO B 478 4.64 0.93 49.86
CA PRO B 478 5.72 1.91 50.10
C PRO B 478 5.69 2.92 48.95
N ILE B 479 4.66 3.75 48.94
CA ILE B 479 4.48 4.74 47.90
C ILE B 479 4.12 6.11 48.44
N VAL B 480 4.64 7.14 47.79
CA VAL B 480 4.38 8.53 48.16
C VAL B 480 3.82 9.22 46.93
N TYR B 481 2.84 10.09 47.14
CA TYR B 481 2.22 10.81 46.03
C TYR B 481 2.53 12.29 46.14
N ASN B 482 3.31 12.78 45.19
CA ASN B 482 3.70 14.20 45.15
C ASN B 482 3.40 14.68 43.74
N ILE B 483 2.10 14.80 43.48
CA ILE B 483 1.56 15.18 42.18
C ILE B 483 1.49 16.70 41.95
N ALA B 484 1.73 17.11 40.70
CA ALA B 484 1.67 18.51 40.31
C ALA B 484 0.52 18.67 39.32
N TRP B 485 -0.30 19.70 39.50
CA TRP B 485 -1.44 19.93 38.62
C TRP B 485 -1.38 21.32 37.98
N TYR B 486 -2.23 21.53 36.97
CA TYR B 486 -2.30 22.83 36.30
C TYR B 486 -3.72 23.12 35.80
N GLU B 487 -4.25 22.26 34.94
CA GLU B 487 -5.60 22.46 34.43
C GLU B 487 -6.61 21.35 34.79
N GLN B 488 -7.83 21.48 34.30
CA GLN B 488 -8.93 20.56 34.61
C GLN B 488 -8.72 19.05 34.48
N LYS B 489 -7.91 18.60 33.53
CA LYS B 489 -7.65 17.17 33.39
C LYS B 489 -6.87 16.70 34.61
N ALA B 490 -5.99 17.55 35.11
CA ALA B 490 -5.20 17.22 36.29
C ALA B 490 -6.14 17.01 37.47
N VAL B 491 -7.26 17.74 37.48
CA VAL B 491 -8.23 17.63 38.56
C VAL B 491 -9.06 16.34 38.55
N ILE B 492 -9.28 15.74 37.38
CA ILE B 492 -10.04 14.49 37.35
C ILE B 492 -9.14 13.32 37.79
N VAL B 493 -7.84 13.48 37.60
CA VAL B 493 -6.91 12.43 38.01
C VAL B 493 -6.90 12.46 39.53
N LEU B 494 -6.96 13.67 40.08
CA LEU B 494 -6.96 13.84 41.52
C LEU B 494 -8.18 13.20 42.18
N LEU B 495 -9.37 13.53 41.67
CA LEU B 495 -10.62 12.99 42.21
C LEU B 495 -10.68 11.48 42.06
N ALA B 496 -10.17 10.99 40.95
CA ALA B 496 -10.17 9.55 40.66
C ALA B 496 -9.30 8.83 41.68
N LEU B 497 -8.19 9.46 42.07
CA LEU B 497 -7.29 8.89 43.05
C LEU B 497 -7.95 8.90 44.43
N LEU B 498 -8.64 9.99 44.75
CA LEU B 498 -9.33 10.12 46.02
C LEU B 498 -10.46 9.09 46.11
N SER B 499 -11.09 8.80 44.99
CA SER B 499 -12.19 7.84 44.96
C SER B 499 -11.67 6.42 45.06
N LEU B 500 -10.42 6.20 44.64
CA LEU B 500 -9.82 4.87 44.72
C LEU B 500 -9.33 4.66 46.14
N GLY B 501 -9.50 5.66 46.98
CA GLY B 501 -9.07 5.53 48.37
C GLY B 501 -7.68 6.03 48.72
N VAL B 502 -6.86 6.37 47.74
CA VAL B 502 -5.51 6.85 48.03
C VAL B 502 -5.55 8.07 48.94
N LYS B 503 -4.69 8.09 49.97
CA LYS B 503 -4.68 9.22 50.88
C LYS B 503 -3.30 9.84 51.03
N ASN B 504 -3.23 10.93 51.78
CA ASN B 504 -1.96 11.60 52.01
C ASN B 504 -1.32 12.14 50.75
N ILE B 505 -2.15 12.43 49.74
CA ILE B 505 -1.63 12.98 48.51
C ILE B 505 -1.15 14.39 48.81
N HIS B 506 0.03 14.71 48.28
CA HIS B 506 0.59 16.04 48.44
C HIS B 506 0.37 16.68 47.08
N LEU B 507 -0.37 17.78 47.05
CA LEU B 507 -0.68 18.47 45.80
C LEU B 507 -0.02 19.84 45.72
N GLY B 508 0.65 20.10 44.60
CA GLY B 508 1.32 21.40 44.42
C GLY B 508 1.43 21.79 42.97
N PRO B 509 2.11 22.92 42.64
CA PRO B 509 2.83 23.84 43.52
C PRO B 509 1.94 24.65 44.46
N THR B 510 0.65 24.59 44.22
CA THR B 510 -0.32 25.29 45.07
C THR B 510 -1.61 24.48 45.12
N LEU B 511 -2.42 24.76 46.12
CA LEU B 511 -3.69 24.08 46.26
C LEU B 511 -4.70 24.84 45.41
N PRO B 512 -5.67 24.13 44.82
CA PRO B 512 -6.71 24.73 43.98
C PRO B 512 -7.41 25.90 44.65
N ALA B 513 -7.48 27.03 43.96
CA ALA B 513 -8.13 28.21 44.51
C ALA B 513 -9.64 28.07 44.61
N PHE B 514 -10.22 27.12 43.87
CA PHE B 514 -11.67 26.94 43.89
C PHE B 514 -12.20 26.10 45.06
N LEU B 515 -11.36 25.91 46.07
CA LEU B 515 -11.75 25.18 47.27
C LEU B 515 -11.95 26.20 48.39
N SER B 516 -13.15 26.24 48.96
CA SER B 516 -13.42 27.18 50.05
C SER B 516 -12.89 26.58 51.36
N PRO B 517 -12.76 27.40 52.41
CA PRO B 517 -12.25 26.94 53.71
C PRO B 517 -12.91 25.65 54.22
N ASN B 518 -14.21 25.48 53.99
CA ASN B 518 -14.91 24.28 54.46
C ASN B 518 -14.66 23.06 53.58
N VAL B 519 -14.66 23.26 52.27
CA VAL B 519 -14.42 22.16 51.34
C VAL B 519 -13.01 21.63 51.57
N ALA B 520 -12.05 22.54 51.71
CA ALA B 520 -10.67 22.16 51.95
C ALA B 520 -10.63 21.32 53.23
N LYS B 521 -11.23 21.85 54.29
CA LYS B 521 -11.27 21.17 55.59
C LYS B 521 -11.83 19.75 55.44
N VAL B 522 -12.94 19.64 54.74
CA VAL B 522 -13.58 18.35 54.49
C VAL B 522 -12.62 17.42 53.76
N LEU B 523 -11.98 17.94 52.70
CA LEU B 523 -11.04 17.13 51.94
C LEU B 523 -9.80 16.73 52.74
N VAL B 524 -9.39 17.55 53.70
CA VAL B 524 -8.24 17.21 54.52
C VAL B 524 -8.60 16.09 55.51
N GLU B 525 -9.76 16.22 56.15
CA GLU B 525 -10.20 15.22 57.14
C GLU B 525 -10.36 13.83 56.52
N GLN B 526 -11.13 13.74 55.44
CA GLN B 526 -11.38 12.48 54.77
C GLN B 526 -10.18 11.79 54.11
N PHE B 527 -9.36 12.57 53.40
CA PHE B 527 -8.23 11.98 52.67
C PHE B 527 -6.86 12.45 53.11
N ASN B 528 -6.83 13.48 53.95
CA ASN B 528 -5.59 14.03 54.44
C ASN B 528 -4.70 14.53 53.31
N ILE B 529 -5.29 15.34 52.43
CA ILE B 529 -4.56 15.91 51.31
C ILE B 529 -3.83 17.16 51.82
N GLY B 530 -2.69 17.47 51.22
CA GLY B 530 -1.94 18.63 51.64
C GLY B 530 -1.10 19.23 50.54
N GLY B 531 -0.50 20.37 50.83
CA GLY B 531 0.33 21.05 49.84
C GLY B 531 1.80 20.84 50.07
N ILE B 532 2.64 21.56 49.32
CA ILE B 532 4.08 21.41 49.44
C ILE B 532 4.73 22.58 50.16
N THR B 533 5.94 22.37 50.65
CA THR B 533 6.72 23.39 51.33
C THR B 533 8.02 23.52 50.53
N SER B 534 9.13 23.05 51.08
CA SER B 534 10.41 23.09 50.39
C SER B 534 10.86 21.67 50.08
N PRO B 535 11.80 21.51 49.14
CA PRO B 535 12.29 20.18 48.79
C PRO B 535 12.88 19.44 49.99
N GLN B 536 13.53 20.20 50.89
CA GLN B 536 14.15 19.62 52.07
C GLN B 536 13.13 19.11 53.08
N ASP B 537 12.22 19.98 53.51
CA ASP B 537 11.21 19.58 54.49
C ASP B 537 10.31 18.45 54.01
N ASP B 538 9.91 18.48 52.75
CA ASP B 538 9.03 17.43 52.24
C ASP B 538 9.77 16.12 52.05
N LEU B 539 11.09 16.19 51.85
CA LEU B 539 11.88 14.99 51.67
C LEU B 539 12.01 14.20 52.96
N LYS B 540 11.82 14.86 54.10
CA LYS B 540 11.90 14.20 55.40
C LYS B 540 10.48 13.87 55.88
N ALA B 541 9.59 14.85 55.77
CA ALA B 541 8.20 14.67 56.18
C ALA B 541 7.52 13.53 55.43
N PHE B 542 7.47 13.64 54.10
CA PHE B 542 6.83 12.64 53.24
C PHE B 542 7.37 11.22 53.37
N PHE B 543 8.37 11.00 54.24
CA PHE B 543 8.94 9.66 54.36
C PHE B 543 9.05 9.04 55.76
FE5 FSO C . 3.92 -22.91 -32.15
FE6 FSO C . 2.65 -22.23 -29.87
FE7 FSO C . 6.70 -20.63 -32.07
FE8 FSO C . 3.68 -19.79 -31.41
S5 FSO C . 4.22 -23.91 -30.02
S6 FSO C . 2.24 -21.38 -31.82
O10 FSO C . 5.12 -21.50 -32.93
FE1 SF4 D . -8.29 -15.43 -27.38
FE2 SF4 D . -7.77 -17.22 -29.12
FE3 SF4 D . -8.32 -18.05 -26.71
FE4 SF4 D . -10.26 -16.96 -28.29
S1 SF4 D . -9.16 -18.87 -28.52
S2 SF4 D . -9.84 -16.36 -26.08
S3 SF4 D . -8.89 -15.25 -29.34
S4 SF4 D . -6.55 -16.59 -27.20
FE5 FSO E . 0.12 18.89 29.87
FE6 FSO E . -1.48 20.98 28.78
FE7 FSO E . -2.16 15.99 29.58
FE8 FSO E . -3.39 18.77 30.72
S5 FSO E . 0.05 19.73 27.76
S6 FSO E . -1.38 20.35 30.90
O8 FSO E . -3.09 19.68 28.49
O10 FSO E . -0.70 17.24 30.61
FE1 SF4 F . -8.84 30.54 33.87
FE2 SF4 F . -6.96 31.34 32.31
FE3 SF4 F . -6.88 32.21 34.72
FE4 SF4 F . -6.50 29.55 34.24
S1 SF4 F . -5.12 31.41 33.64
S2 SF4 F . -7.75 30.48 35.87
S3 SF4 F . -7.97 29.28 32.52
S4 SF4 F . -8.46 32.67 33.16
#